data_4WYC
#
_entry.id   4WYC
#
_cell.length_a   63.288
_cell.length_b   65.982
_cell.length_c   203.999
_cell.angle_alpha   90.000
_cell.angle_beta   90.000
_cell.angle_gamma   90.000
#
_symmetry.space_group_name_H-M   'P 21 21 21'
#
loop_
_entity.id
_entity.type
_entity.pdbx_description
1 polymer 'Adenosylmethionine-8-amino-7-oxononanoate aminotransferase'
2 non-polymer "PYRIDOXAL-5'-PHOSPHATE"
3 non-polymer 4-(1H-imidazol-1-yl)benzamide
4 non-polymer 1,2-ETHANEDIOL
5 non-polymer 'FORMYL GROUP'
6 non-polymer 'SULFATE ION'
7 non-polymer 'MAGNESIUM ION'
8 water water
#
_entity_poly.entity_id   1
_entity_poly.type   'polypeptide(L)'
_entity_poly.pdbx_seq_one_letter_code
;MGSSHHHHHHSSGLVPRGSHMAAATGGLTPEQIIAVDGAHLWHPYSSIGREAVSPVVAVAAHGAWLTLIRDGQPIEVLDA
MSSWWTAIHGHGHPALDQALTTQLRVMNHVMFGGLTHEPAARLAKLLVDITPAGLDTVFFSDSGSVSVEVAAKMALQYWR
GRGLPGKRRLMTWRGGYHGDTFLAMSICDPHGGMHSLWTDVLAAQVFAPQVPRDYDPAYSAAFEAQLAQHAGELAAVVVE
PVVQGAGGMRFHDPRYLHDLRDICRRYEVLLIFDEIATGFGRTGALFAADHAGVSPDIMCVGKALTGGYLSLAATLCTAD
VAHTISAGAAGALMHGPTFMANPLACAVSVASVELLLGQDWRTRITELAAGLTAGLDTARALPAVTDVRVCGAIGVIECD
RPVDLAVATPAALDRGVWLRPFRNLVYAMPPYICTPAEITQITSAMVEVARLVGSLP
;
_entity_poly.pdbx_strand_id   A,B
#
loop_
_chem_comp.id
_chem_comp.type
_chem_comp.name
_chem_comp.formula
3VS non-polymer 4-(1H-imidazol-1-yl)benzamide 'C10 H9 N3 O'
EDO non-polymer 1,2-ETHANEDIOL 'C2 H6 O2'
FOR non-polymer 'FORMYL GROUP' 'C H2 O'
MG non-polymer 'MAGNESIUM ION' 'Mg 2'
PLP non-polymer PYRIDOXAL-5'-PHOSPHATE 'C8 H10 N O6 P'
SO4 non-polymer 'SULFATE ION' 'O4 S -2'
#
# COMPACT_ATOMS: atom_id res chain seq x y z
N LEU A 28 7.16 6.22 26.24
CA LEU A 28 7.17 7.67 26.10
C LEU A 28 5.93 8.28 26.73
N THR A 29 6.11 9.42 27.38
CA THR A 29 4.99 10.18 27.91
C THR A 29 4.29 10.88 26.76
N PRO A 30 3.02 11.28 26.96
CA PRO A 30 2.32 12.05 25.93
C PRO A 30 3.08 13.31 25.49
N GLU A 31 3.73 14.01 26.41
CA GLU A 31 4.47 15.22 26.06
C GLU A 31 5.68 14.87 25.20
N GLN A 32 6.31 13.74 25.50
CA GLN A 32 7.46 13.28 24.74
C GLN A 32 7.05 12.84 23.33
N ILE A 33 5.87 12.23 23.24
CA ILE A 33 5.32 11.81 21.96
C ILE A 33 5.07 13.03 21.09
N ILE A 34 4.45 14.05 21.68
CA ILE A 34 4.19 15.31 20.98
C ILE A 34 5.46 15.97 20.48
N ALA A 35 6.51 15.96 21.29
CA ALA A 35 7.79 16.56 20.90
C ALA A 35 8.44 15.79 19.74
N VAL A 36 8.43 14.46 19.82
CA VAL A 36 8.96 13.64 18.72
C VAL A 36 8.11 13.84 17.48
N ASP A 37 6.80 13.86 17.67
CA ASP A 37 5.87 14.02 16.56
C ASP A 37 6.13 15.33 15.82
N GLY A 38 6.24 16.43 16.56
CA GLY A 38 6.44 17.72 15.94
C GLY A 38 7.73 17.83 15.14
N ALA A 39 8.77 17.16 15.62
CA ALA A 39 10.07 17.24 14.98
C ALA A 39 10.18 16.31 13.77
N HIS A 40 9.54 15.15 13.84
CA HIS A 40 9.90 14.06 12.91
C HIS A 40 8.77 13.40 12.12
N LEU A 41 7.53 13.67 12.47
CA LEU A 41 6.44 12.93 11.81
C LEU A 41 5.59 13.76 10.85
N TRP A 42 5.54 13.35 9.58
CA TRP A 42 4.50 13.84 8.68
C TRP A 42 3.14 13.24 9.01
N HIS A 43 2.08 14.01 8.82
CA HIS A 43 0.71 13.49 8.94
C HIS A 43 0.00 13.63 7.58
N PRO A 44 -1.22 13.04 7.43
CA PRO A 44 -1.90 13.15 6.13
C PRO A 44 -2.06 14.61 5.71
N TYR A 45 -1.63 14.94 4.50
CA TYR A 45 -1.84 16.28 3.92
C TYR A 45 -1.45 17.40 4.86
N SER A 46 -0.28 17.25 5.46
CA SER A 46 0.16 18.16 6.51
C SER A 46 1.50 18.78 6.18
N SER A 47 1.93 19.69 7.04
CA SER A 47 3.24 20.30 6.94
CA SER A 47 3.24 20.30 6.93
C SER A 47 4.15 19.69 7.98
N ILE A 48 5.40 20.12 7.98
CA ILE A 48 6.30 19.89 9.09
C ILE A 48 6.61 21.27 9.62
N GLY A 49 6.31 21.50 10.89
CA GLY A 49 6.65 22.76 11.54
C GLY A 49 5.70 23.92 11.33
N ARG A 50 4.61 23.70 10.60
CA ARG A 50 3.64 24.76 10.35
C ARG A 50 2.20 24.33 10.62
N GLU A 51 2.02 23.35 11.50
CA GLU A 51 0.70 22.87 11.88
C GLU A 51 -0.02 23.85 12.79
N ALA A 52 -1.26 24.19 12.44
CA ALA A 52 -2.07 25.14 13.21
C ALA A 52 -2.32 24.59 14.61
N VAL A 53 -2.61 23.29 14.68
CA VAL A 53 -2.77 22.61 15.97
C VAL A 53 -1.94 21.32 16.01
N SER A 54 -1.43 20.99 17.20
CA SER A 54 -0.77 19.71 17.41
C SER A 54 -1.79 18.59 17.24
N PRO A 55 -1.33 17.41 16.82
CA PRO A 55 -2.23 16.26 16.88
C PRO A 55 -2.49 15.90 18.33
N VAL A 56 -3.60 15.22 18.58
CA VAL A 56 -3.95 14.76 19.92
C VAL A 56 -3.37 13.36 20.11
N VAL A 57 -2.72 13.12 21.24
CA VAL A 57 -2.15 11.79 21.51
C VAL A 57 -3.25 10.77 21.83
N ALA A 58 -3.29 9.66 21.10
CA ALA A 58 -4.18 8.54 21.39
C ALA A 58 -3.40 7.46 22.09
N VAL A 59 -3.93 6.98 23.22
CA VAL A 59 -3.22 5.95 23.97
C VAL A 59 -3.96 4.62 24.08
N ALA A 60 -5.22 4.56 23.63
CA ALA A 60 -5.97 3.32 23.62
C ALA A 60 -7.16 3.39 22.70
N ALA A 61 -7.64 2.24 22.25
CA ALA A 61 -8.91 2.16 21.53
C ALA A 61 -9.56 0.83 21.85
N HIS A 62 -10.83 0.88 22.25
CA HIS A 62 -11.63 -0.29 22.58
CA HIS A 62 -11.63 -0.29 22.59
C HIS A 62 -13.08 -0.06 22.20
N GLY A 63 -13.64 -0.95 21.39
CA GLY A 63 -15.00 -0.79 20.92
C GLY A 63 -15.11 0.49 20.11
N ALA A 64 -16.13 1.29 20.39
CA ALA A 64 -16.38 2.52 19.64
C ALA A 64 -15.59 3.70 20.21
N TRP A 65 -14.78 3.43 21.21
CA TRP A 65 -14.20 4.48 22.03
C TRP A 65 -12.67 4.57 21.90
N LEU A 66 -12.18 5.80 21.81
CA LEU A 66 -10.76 6.11 21.85
C LEU A 66 -10.41 6.69 23.20
N THR A 67 -9.20 6.42 23.69
CA THR A 67 -8.70 7.14 24.86
C THR A 67 -7.67 8.13 24.38
N LEU A 68 -8.01 9.41 24.51
CA LEU A 68 -7.15 10.50 24.03
C LEU A 68 -6.61 11.30 25.21
N ILE A 69 -5.45 11.92 25.03
CA ILE A 69 -4.87 12.76 26.09
C ILE A 69 -5.25 14.22 25.88
N ARG A 70 -5.95 14.79 26.83
CA ARG A 70 -6.35 16.18 26.71
C ARG A 70 -5.98 16.94 27.98
N ASP A 71 -5.19 18.00 27.83
CA ASP A 71 -4.63 18.72 28.97
C ASP A 71 -3.96 17.78 29.96
N GLY A 72 -3.20 16.83 29.43
CA GLY A 72 -2.45 15.90 30.26
C GLY A 72 -3.28 14.80 30.91
N GLN A 73 -4.59 14.81 30.68
CA GLN A 73 -5.47 13.78 31.25
C GLN A 73 -6.15 12.92 30.17
N PRO A 74 -6.31 11.62 30.43
CA PRO A 74 -7.00 10.76 29.47
C PRO A 74 -8.50 11.00 29.46
N ILE A 75 -9.11 11.02 28.27
CA ILE A 75 -10.57 11.13 28.14
C ILE A 75 -11.07 10.09 27.15
N GLU A 76 -12.25 9.54 27.42
CA GLU A 76 -12.91 8.61 26.51
C GLU A 76 -13.78 9.36 25.51
N VAL A 77 -13.56 9.13 24.22
CA VAL A 77 -14.42 9.76 23.22
C VAL A 77 -14.85 8.76 22.15
N LEU A 78 -16.01 9.00 21.55
CA LEU A 78 -16.53 8.14 20.50
C LEU A 78 -15.74 8.37 19.20
N ASP A 79 -15.35 7.28 18.55
CA ASP A 79 -14.66 7.31 17.25
C ASP A 79 -15.69 7.48 16.14
N ALA A 80 -16.20 8.70 16.01
CA ALA A 80 -17.32 8.97 15.10
C ALA A 80 -16.90 8.80 13.64
N MET A 81 -15.59 8.82 13.42
CA MET A 81 -15.03 8.74 12.06
C MET A 81 -14.69 7.31 11.66
N SER A 82 -14.92 6.36 12.58
CA SER A 82 -14.43 4.98 12.43
C SER A 82 -12.96 4.96 11.99
N SER A 83 -12.16 5.91 12.50
CA SER A 83 -10.74 6.02 12.16
C SER A 83 -10.56 5.99 10.64
N TRP A 84 -11.12 7.01 10.00
CA TRP A 84 -11.10 7.18 8.55
C TRP A 84 -11.76 6.00 7.86
N TRP A 85 -12.97 5.66 8.32
CA TRP A 85 -13.92 4.77 7.68
CA TRP A 85 -13.84 4.71 7.57
C TRP A 85 -13.45 3.28 7.74
N THR A 86 -12.58 2.95 8.69
CA THR A 86 -12.04 1.59 8.74
C THR A 86 -12.63 0.69 9.82
N ALA A 87 -12.96 1.28 10.97
CA ALA A 87 -13.28 0.48 12.16
C ALA A 87 -14.75 0.07 12.25
N ILE A 88 -15.23 -0.71 11.28
CA ILE A 88 -16.66 -0.98 11.22
C ILE A 88 -17.19 -1.81 12.40
N HIS A 89 -16.32 -2.63 12.98
CA HIS A 89 -16.69 -3.47 14.12
C HIS A 89 -16.17 -2.90 15.44
N GLY A 90 -15.72 -1.65 15.38
CA GLY A 90 -15.04 -1.05 16.51
C GLY A 90 -13.65 -1.64 16.70
N HIS A 91 -12.92 -1.11 17.68
CA HIS A 91 -11.54 -1.49 17.93
C HIS A 91 -11.48 -2.65 18.91
N GLY A 92 -10.45 -3.50 18.78
CA GLY A 92 -10.24 -4.56 19.74
C GLY A 92 -11.45 -5.48 19.90
N HIS A 93 -12.08 -5.81 18.79
CA HIS A 93 -13.16 -6.80 18.81
C HIS A 93 -12.57 -8.18 19.07
N PRO A 94 -13.14 -8.93 20.03
CA PRO A 94 -12.51 -10.20 20.39
C PRO A 94 -12.38 -11.20 19.24
N ALA A 95 -13.29 -11.19 18.28
CA ALA A 95 -13.20 -12.16 17.19
C ALA A 95 -12.05 -11.79 16.24
N LEU A 96 -11.82 -10.49 16.07
CA LEU A 96 -10.79 -10.05 15.14
C LEU A 96 -9.43 -10.15 15.81
N ASP A 97 -9.37 -9.75 17.08
CA ASP A 97 -8.16 -9.91 17.88
C ASP A 97 -7.68 -11.35 17.83
N GLN A 98 -8.62 -12.27 18.03
CA GLN A 98 -8.25 -13.67 18.12
C GLN A 98 -7.91 -14.27 16.76
N ALA A 99 -8.54 -13.79 15.69
CA ALA A 99 -8.15 -14.21 14.35
C ALA A 99 -6.68 -13.85 14.08
N LEU A 100 -6.28 -12.66 14.51
CA LEU A 100 -4.92 -12.22 14.31
CA LEU A 100 -4.90 -12.23 14.30
C LEU A 100 -3.96 -13.10 15.12
N THR A 101 -4.25 -13.29 16.40
CA THR A 101 -3.32 -14.06 17.22
C THR A 101 -3.30 -15.54 16.85
N THR A 102 -4.43 -16.09 16.39
CA THR A 102 -4.45 -17.48 15.93
C THR A 102 -3.56 -17.67 14.70
N GLN A 103 -3.67 -16.77 13.73
CA GLN A 103 -2.79 -16.83 12.56
C GLN A 103 -1.33 -16.59 12.91
N LEU A 104 -1.07 -15.69 13.86
CA LEU A 104 0.28 -15.34 14.26
C LEU A 104 1.04 -16.56 14.78
N ARG A 105 0.28 -17.45 15.41
CA ARG A 105 0.83 -18.67 15.99
C ARG A 105 1.34 -19.65 14.91
N VAL A 106 0.72 -19.61 13.73
CA VAL A 106 0.97 -20.56 12.65
CA VAL A 106 1.07 -20.59 12.70
C VAL A 106 1.93 -20.06 11.56
N MET A 107 1.65 -18.85 11.08
CA MET A 107 2.37 -18.31 9.92
CA MET A 107 2.37 -18.30 9.91
C MET A 107 2.13 -16.81 9.75
N ASN A 108 3.15 -16.00 10.03
CA ASN A 108 2.97 -14.56 9.91
C ASN A 108 2.81 -14.15 8.46
N HIS A 109 3.64 -14.73 7.60
CA HIS A 109 3.72 -14.29 6.22
C HIS A 109 4.63 -15.22 5.43
N VAL A 110 4.25 -15.49 4.18
CA VAL A 110 5.18 -16.09 3.21
C VAL A 110 5.03 -15.31 1.92
N MET A 111 6.04 -15.37 1.04
CA MET A 111 5.94 -14.69 -0.25
C MET A 111 4.90 -15.36 -1.13
N PHE A 112 4.07 -14.56 -1.80
CA PHE A 112 3.00 -15.13 -2.63
C PHE A 112 3.49 -15.56 -4.00
N GLY A 113 4.76 -15.30 -4.29
CA GLY A 113 5.35 -15.78 -5.54
C GLY A 113 5.70 -17.25 -5.41
N GLY A 114 4.84 -18.11 -5.93
CA GLY A 114 5.14 -19.53 -5.94
C GLY A 114 4.51 -20.31 -4.81
N LEU A 115 3.94 -19.59 -3.85
CA LEU A 115 3.29 -20.21 -2.71
C LEU A 115 1.86 -19.71 -2.61
N THR A 116 0.98 -20.52 -2.03
CA THR A 116 -0.35 -20.04 -1.67
C THR A 116 -0.64 -20.48 -0.25
N HIS A 117 -1.76 -20.02 0.30
CA HIS A 117 -2.07 -20.37 1.69
C HIS A 117 -3.54 -20.21 2.05
N GLU A 118 -3.89 -20.76 3.20
CA GLU A 118 -5.29 -20.82 3.59
C GLU A 118 -5.98 -19.46 3.78
N PRO A 119 -5.32 -18.50 4.46
CA PRO A 119 -6.04 -17.22 4.59
C PRO A 119 -6.33 -16.56 3.24
N ALA A 120 -5.39 -16.58 2.29
CA ALA A 120 -5.68 -16.00 0.98
C ALA A 120 -6.84 -16.70 0.28
N ALA A 121 -6.88 -18.04 0.34
CA ALA A 121 -7.92 -18.80 -0.33
C ALA A 121 -9.28 -18.57 0.32
N ARG A 122 -9.33 -18.61 1.65
CA ARG A 122 -10.55 -18.34 2.37
C ARG A 122 -11.10 -16.95 2.04
N LEU A 123 -10.23 -15.94 2.05
CA LEU A 123 -10.68 -14.58 1.78
C LEU A 123 -11.09 -14.41 0.32
N ALA A 124 -10.31 -14.97 -0.60
CA ALA A 124 -10.69 -14.88 -2.00
C ALA A 124 -12.06 -15.52 -2.25
N LYS A 125 -12.29 -16.68 -1.64
CA LYS A 125 -13.56 -17.39 -1.80
C LYS A 125 -14.73 -16.54 -1.30
N LEU A 126 -14.55 -15.95 -0.11
CA LEU A 126 -15.54 -15.06 0.48
CA LEU A 126 -15.55 -15.08 0.46
C LEU A 126 -15.83 -13.86 -0.42
N LEU A 127 -14.77 -13.20 -0.87
CA LEU A 127 -14.93 -11.99 -1.68
C LEU A 127 -15.61 -12.27 -3.00
N VAL A 128 -15.24 -13.35 -3.69
CA VAL A 128 -15.88 -13.71 -4.95
CA VAL A 128 -15.90 -13.63 -4.97
C VAL A 128 -17.37 -13.98 -4.74
N ASP A 129 -17.69 -14.55 -3.59
CA ASP A 129 -19.08 -14.93 -3.35
CA ASP A 129 -19.07 -14.93 -3.28
C ASP A 129 -20.00 -13.75 -3.00
N ILE A 130 -19.49 -12.73 -2.33
CA ILE A 130 -20.35 -11.64 -1.85
C ILE A 130 -20.32 -10.36 -2.68
N THR A 131 -19.35 -10.23 -3.57
CA THR A 131 -19.26 -9.04 -4.43
C THR A 131 -20.27 -9.17 -5.58
N PRO A 132 -20.55 -8.07 -6.31
CA PRO A 132 -21.48 -8.18 -7.45
C PRO A 132 -21.14 -9.31 -8.41
N ALA A 133 -22.16 -9.92 -9.02
CA ALA A 133 -21.96 -11.14 -9.80
C ALA A 133 -20.92 -10.98 -10.89
N GLY A 134 -20.11 -12.02 -11.08
CA GLY A 134 -19.18 -12.06 -12.19
C GLY A 134 -17.76 -11.70 -11.81
N LEU A 135 -17.53 -11.23 -10.59
CA LEU A 135 -16.18 -10.86 -10.18
C LEU A 135 -15.51 -12.09 -9.60
N ASP A 136 -14.77 -12.78 -10.45
CA ASP A 136 -14.33 -14.16 -10.20
C ASP A 136 -12.90 -14.30 -9.75
N THR A 137 -12.11 -13.22 -9.86
CA THR A 137 -10.69 -13.31 -9.56
C THR A 137 -10.27 -12.13 -8.67
N VAL A 138 -9.28 -12.38 -7.82
CA VAL A 138 -8.92 -11.46 -6.74
C VAL A 138 -7.41 -11.19 -6.71
N PHE A 139 -7.05 -9.92 -6.82
CA PHE A 139 -5.67 -9.47 -6.71
C PHE A 139 -5.50 -8.70 -5.40
N PHE A 140 -4.79 -9.28 -4.45
CA PHE A 140 -4.57 -8.62 -3.17
C PHE A 140 -3.39 -7.64 -3.23
N SER A 141 -3.55 -6.48 -2.59
CA SER A 141 -2.46 -5.52 -2.48
C SER A 141 -2.53 -4.89 -1.10
N ASP A 142 -1.72 -3.88 -0.83
N ASP A 142 -1.74 -3.84 -0.92
CA ASP A 142 -1.62 -3.39 0.55
CA ASP A 142 -1.38 -3.26 0.36
CA ASP A 142 -0.87 -3.63 1.57
C ASP A 142 -2.41 -2.11 0.84
C ASP A 142 -2.17 -2.02 0.78
N SER A 143 -2.84 -1.39 -0.19
CA SER A 143 -3.64 -0.19 0.03
C SER A 143 -4.59 0.12 -1.09
N GLY A 144 -5.50 1.03 -0.81
CA GLY A 144 -6.54 1.37 -1.76
C GLY A 144 -5.98 1.98 -3.02
N SER A 145 -5.05 2.91 -2.85
CA SER A 145 -4.43 3.58 -3.99
CA SER A 145 -4.43 3.59 -3.98
C SER A 145 -3.78 2.57 -4.91
N VAL A 146 -3.06 1.63 -4.33
CA VAL A 146 -2.44 0.58 -5.14
C VAL A 146 -3.52 -0.27 -5.84
N SER A 147 -4.60 -0.59 -5.13
CA SER A 147 -5.65 -1.40 -5.74
CA SER A 147 -5.67 -1.39 -5.73
C SER A 147 -6.25 -0.66 -6.93
N VAL A 148 -6.21 0.67 -6.90
CA VAL A 148 -6.75 1.45 -8.02
C VAL A 148 -5.79 1.39 -9.20
N GLU A 149 -4.50 1.47 -8.91
CA GLU A 149 -3.46 1.35 -9.93
C GLU A 149 -3.53 -0.04 -10.55
N VAL A 150 -3.73 -1.06 -9.73
CA VAL A 150 -3.87 -2.41 -10.25
C VAL A 150 -5.12 -2.52 -11.17
N ALA A 151 -6.24 -1.93 -10.77
CA ALA A 151 -7.45 -1.84 -11.60
C ALA A 151 -7.17 -1.24 -12.97
N ALA A 152 -6.44 -0.12 -12.96
CA ALA A 152 -6.13 0.56 -14.22
C ALA A 152 -5.21 -0.31 -15.07
N LYS A 153 -4.23 -0.95 -14.43
CA LYS A 153 -3.34 -1.87 -15.13
C LYS A 153 -4.14 -3.02 -15.77
N MET A 154 -5.07 -3.59 -15.01
CA MET A 154 -5.94 -4.63 -15.57
C MET A 154 -6.64 -4.13 -16.84
N ALA A 155 -7.19 -2.92 -16.78
CA ALA A 155 -7.97 -2.40 -17.91
C ALA A 155 -7.04 -2.17 -19.10
N LEU A 156 -5.86 -1.61 -18.84
CA LEU A 156 -4.94 -1.33 -19.94
CA LEU A 156 -4.87 -1.34 -19.89
C LEU A 156 -4.42 -2.62 -20.55
N GLN A 157 -4.03 -3.59 -19.74
CA GLN A 157 -3.57 -4.86 -20.28
C GLN A 157 -4.69 -5.64 -20.98
N TYR A 158 -5.93 -5.49 -20.49
CA TYR A 158 -7.08 -6.10 -21.16
C TYR A 158 -7.14 -5.65 -22.62
N TRP A 159 -7.09 -4.34 -22.85
CA TRP A 159 -7.31 -3.86 -24.22
C TRP A 159 -6.10 -4.12 -25.09
N ARG A 160 -4.92 -4.19 -24.49
CA ARG A 160 -3.72 -4.58 -25.25
C ARG A 160 -3.85 -6.04 -25.65
N GLY A 161 -4.41 -6.85 -24.76
CA GLY A 161 -4.74 -8.23 -25.07
C GLY A 161 -5.82 -8.39 -26.14
N ARG A 162 -6.61 -7.35 -26.39
CA ARG A 162 -7.61 -7.38 -27.46
C ARG A 162 -7.10 -6.71 -28.73
N GLY A 163 -5.81 -6.36 -28.75
CA GLY A 163 -5.23 -5.67 -29.87
C GLY A 163 -5.65 -4.23 -30.05
N LEU A 164 -6.06 -3.58 -28.96
CA LEU A 164 -6.47 -2.18 -29.03
C LEU A 164 -5.73 -1.29 -28.01
N PRO A 165 -4.41 -1.15 -28.16
CA PRO A 165 -3.61 -0.40 -27.18
C PRO A 165 -3.93 1.08 -27.16
N GLY A 166 -4.68 1.56 -28.13
CA GLY A 166 -5.13 2.94 -28.13
C GLY A 166 -6.09 3.22 -26.99
N LYS A 167 -6.75 2.18 -26.49
CA LYS A 167 -7.69 2.34 -25.37
C LYS A 167 -6.89 2.37 -24.07
N ARG A 168 -6.46 3.57 -23.69
CA ARG A 168 -5.52 3.71 -22.58
C ARG A 168 -5.83 4.85 -21.61
N ARG A 169 -6.83 5.65 -21.94
CA ARG A 169 -7.29 6.72 -21.06
C ARG A 169 -8.43 6.25 -20.16
N LEU A 170 -8.69 7.06 -19.13
CA LEU A 170 -9.75 6.80 -18.18
C LEU A 170 -10.75 7.94 -18.23
N MET A 171 -12.02 7.63 -17.98
CA MET A 171 -13.05 8.64 -17.88
C MET A 171 -13.72 8.54 -16.52
N THR A 172 -14.03 9.69 -15.93
CA THR A 172 -14.75 9.70 -14.68
C THR A 172 -15.65 10.92 -14.63
N TRP A 173 -16.41 11.06 -13.54
CA TRP A 173 -17.14 12.30 -13.30
C TRP A 173 -16.45 13.07 -12.20
N ARG A 174 -16.74 14.37 -12.13
CA ARG A 174 -16.10 15.24 -11.14
C ARG A 174 -16.57 14.91 -9.73
N GLY A 175 -15.84 15.43 -8.75
CA GLY A 175 -16.14 15.20 -7.33
C GLY A 175 -15.55 13.92 -6.73
N GLY A 176 -14.79 13.17 -7.53
CA GLY A 176 -14.26 11.90 -7.09
C GLY A 176 -12.94 11.93 -6.33
N TYR A 177 -12.63 10.81 -5.69
CA TYR A 177 -11.35 10.60 -5.01
C TYR A 177 -11.02 9.14 -5.16
N HIS A 178 -9.79 8.83 -5.54
CA HIS A 178 -9.39 7.45 -5.81
C HIS A 178 -8.02 7.11 -5.25
N GLY A 179 -7.49 7.97 -4.39
CA GLY A 179 -6.19 7.71 -3.79
C GLY A 179 -5.11 8.72 -4.18
N ASP A 180 -3.88 8.48 -3.72
CA ASP A 180 -2.84 9.50 -3.73
C ASP A 180 -1.61 9.17 -4.61
N THR A 181 -1.52 7.94 -5.12
CA THR A 181 -0.45 7.61 -6.05
C THR A 181 -0.78 8.30 -7.39
N PHE A 182 0.19 8.44 -8.29
CA PHE A 182 0.01 9.41 -9.38
C PHE A 182 -1.04 9.01 -10.45
N LEU A 183 -1.25 7.73 -10.74
CA LEU A 183 -2.34 7.35 -11.63
CA LEU A 183 -2.33 7.42 -11.65
C LEU A 183 -3.66 7.64 -10.92
N ALA A 184 -3.74 7.20 -9.67
CA ALA A 184 -4.92 7.45 -8.85
C ALA A 184 -5.30 8.93 -8.85
N MET A 185 -4.29 9.79 -8.74
CA MET A 185 -4.51 11.24 -8.67
C MET A 185 -5.14 11.75 -9.97
N SER A 186 -4.76 11.14 -11.10
CA SER A 186 -5.25 11.63 -12.39
C SER A 186 -6.77 11.53 -12.56
N ILE A 187 -7.45 10.73 -11.74
CA ILE A 187 -8.92 10.65 -11.81
C ILE A 187 -9.61 11.25 -10.59
N CYS A 188 -8.81 11.86 -9.72
N CYS A 188 -8.82 11.85 -9.70
CA CYS A 188 -9.33 12.65 -8.60
CA CYS A 188 -9.42 12.58 -8.60
C CYS A 188 -9.91 13.94 -9.14
C CYS A 188 -9.97 13.87 -9.17
N ASP A 189 -10.88 14.50 -8.45
CA ASP A 189 -11.46 15.77 -8.87
C ASP A 189 -10.36 16.80 -9.10
N PRO A 190 -10.36 17.44 -10.28
CA PRO A 190 -9.25 18.35 -10.60
C PRO A 190 -9.12 19.50 -9.60
N HIS A 191 -10.22 19.93 -9.01
CA HIS A 191 -10.14 21.00 -8.01
C HIS A 191 -9.80 20.47 -6.62
N GLY A 192 -10.53 19.45 -6.17
CA GLY A 192 -10.26 18.84 -4.89
C GLY A 192 -8.91 18.15 -4.82
N GLY A 193 -8.43 17.65 -5.94
CA GLY A 193 -7.14 16.99 -5.99
C GLY A 193 -5.98 17.90 -6.34
N MET A 194 -6.26 19.20 -6.44
CA MET A 194 -5.23 20.22 -6.63
C MET A 194 -4.41 19.98 -7.89
N HIS A 195 -5.11 19.66 -8.99
CA HIS A 195 -4.42 19.35 -10.23
C HIS A 195 -3.71 20.55 -10.81
N SER A 196 -4.19 21.74 -10.44
CA SER A 196 -3.55 22.98 -10.82
C SER A 196 -2.09 22.99 -10.35
N LEU A 197 -1.84 22.32 -9.23
CA LEU A 197 -0.49 22.23 -8.70
C LEU A 197 0.30 21.07 -9.30
N TRP A 198 -0.34 20.25 -10.13
CA TRP A 198 0.34 19.14 -10.80
C TRP A 198 0.33 19.28 -12.32
N THR A 199 0.32 20.52 -12.80
CA THR A 199 0.35 20.80 -14.23
C THR A 199 1.52 20.09 -14.93
N ASP A 200 1.21 19.44 -16.04
CA ASP A 200 2.18 18.72 -16.88
C ASP A 200 2.71 17.45 -16.24
N VAL A 201 2.18 17.08 -15.08
CA VAL A 201 2.68 15.89 -14.39
C VAL A 201 1.72 14.69 -14.50
N LEU A 202 0.41 14.94 -14.41
CA LEU A 202 -0.56 13.85 -14.36
C LEU A 202 -1.05 13.42 -15.73
N ALA A 203 -1.46 12.16 -15.84
CA ALA A 203 -2.16 11.68 -17.03
C ALA A 203 -3.39 12.55 -17.25
N ALA A 204 -3.64 12.91 -18.50
CA ALA A 204 -4.78 13.73 -18.86
C ALA A 204 -6.01 12.86 -19.12
N GLN A 205 -6.94 12.85 -18.16
CA GLN A 205 -8.09 11.96 -18.28
C GLN A 205 -9.35 12.72 -18.72
N VAL A 206 -10.42 11.99 -18.96
CA VAL A 206 -11.68 12.58 -19.39
C VAL A 206 -12.64 12.77 -18.22
N PHE A 207 -13.09 14.00 -18.00
CA PHE A 207 -14.01 14.33 -16.91
C PHE A 207 -15.39 14.79 -17.37
N ALA A 208 -16.41 14.07 -16.90
CA ALA A 208 -17.80 14.51 -17.04
C ALA A 208 -18.10 15.47 -15.89
N PRO A 209 -19.14 16.31 -16.02
CA PRO A 209 -19.52 17.19 -14.91
C PRO A 209 -19.88 16.41 -13.63
N GLN A 210 -19.92 17.11 -12.50
CA GLN A 210 -20.40 16.53 -11.26
C GLN A 210 -21.73 15.80 -11.42
N VAL A 211 -21.79 14.54 -10.97
CA VAL A 211 -23.06 13.79 -11.01
C VAL A 211 -24.01 14.38 -9.97
N PRO A 212 -25.21 14.76 -10.40
CA PRO A 212 -26.20 15.35 -9.50
C PRO A 212 -26.72 14.37 -8.47
N ARG A 213 -27.29 14.89 -7.38
CA ARG A 213 -27.92 14.05 -6.37
CA ARG A 213 -27.90 14.02 -6.39
C ARG A 213 -29.14 13.31 -6.95
N ASP A 214 -30.06 14.09 -7.51
CA ASP A 214 -31.30 13.51 -8.04
C ASP A 214 -31.10 13.01 -9.46
N TYR A 215 -31.91 12.02 -9.84
CA TYR A 215 -31.76 11.44 -11.16
C TYR A 215 -32.26 12.39 -12.24
N ASP A 216 -31.42 12.59 -13.24
CA ASP A 216 -31.73 13.46 -14.36
C ASP A 216 -31.25 12.77 -15.62
N PRO A 217 -32.20 12.29 -16.45
CA PRO A 217 -31.87 11.57 -17.67
C PRO A 217 -30.90 12.36 -18.57
N ALA A 218 -30.99 13.69 -18.52
CA ALA A 218 -30.16 14.53 -19.37
C ALA A 218 -28.67 14.38 -19.02
N TYR A 219 -28.38 14.18 -17.75
CA TYR A 219 -26.99 13.98 -17.32
C TYR A 219 -26.42 12.72 -17.97
N SER A 220 -27.16 11.63 -17.91
CA SER A 220 -26.68 10.37 -18.49
C SER A 220 -26.53 10.48 -20.01
N ALA A 221 -27.48 11.18 -20.64
CA ALA A 221 -27.39 11.41 -22.06
C ALA A 221 -26.13 12.17 -22.42
N ALA A 222 -25.80 13.18 -21.62
CA ALA A 222 -24.60 14.00 -21.89
C ALA A 222 -23.35 13.18 -21.59
N PHE A 223 -23.40 12.35 -20.54
CA PHE A 223 -22.27 11.48 -20.22
C PHE A 223 -21.95 10.59 -21.42
N GLU A 224 -23.00 9.99 -22.00
CA GLU A 224 -22.81 9.10 -23.14
C GLU A 224 -22.26 9.85 -24.35
N ALA A 225 -22.77 11.07 -24.58
CA ALA A 225 -22.31 11.85 -25.73
C ALA A 225 -20.81 12.13 -25.61
N GLN A 226 -20.37 12.45 -24.40
CA GLN A 226 -18.96 12.74 -24.16
C GLN A 226 -18.12 11.47 -24.31
N LEU A 227 -18.57 10.37 -23.70
CA LEU A 227 -17.85 9.09 -23.81
C LEU A 227 -17.78 8.64 -25.27
N ALA A 228 -18.86 8.88 -26.00
CA ALA A 228 -18.91 8.49 -27.41
C ALA A 228 -17.76 9.13 -28.21
N GLN A 229 -17.43 10.37 -27.87
CA GLN A 229 -16.35 11.08 -28.54
C GLN A 229 -14.95 10.53 -28.26
N HIS A 230 -14.82 9.78 -27.16
CA HIS A 230 -13.52 9.28 -26.74
C HIS A 230 -13.42 7.75 -26.67
N ALA A 231 -14.44 7.05 -27.15
CA ALA A 231 -14.53 5.61 -26.87
C ALA A 231 -13.31 4.83 -27.37
N GLY A 232 -12.77 5.24 -28.52
CA GLY A 232 -11.64 4.56 -29.11
C GLY A 232 -10.35 4.73 -28.34
N GLU A 233 -10.34 5.66 -27.37
CA GLU A 233 -9.14 5.86 -26.58
C GLU A 233 -9.38 5.63 -25.09
N LEU A 234 -10.57 5.15 -24.75
CA LEU A 234 -10.91 4.91 -23.34
C LEU A 234 -10.81 3.44 -22.98
N ALA A 235 -10.04 3.16 -21.93
CA ALA A 235 -9.94 1.81 -21.41
C ALA A 235 -11.09 1.56 -20.46
N ALA A 236 -11.45 2.58 -19.70
CA ALA A 236 -12.41 2.36 -18.63
C ALA A 236 -13.06 3.64 -18.12
N VAL A 237 -14.28 3.48 -17.59
CA VAL A 237 -14.92 4.47 -16.74
C VAL A 237 -14.60 4.03 -15.31
N VAL A 238 -14.12 4.96 -14.48
CA VAL A 238 -13.84 4.65 -13.07
C VAL A 238 -14.64 5.60 -12.19
N VAL A 239 -15.49 5.07 -11.33
CA VAL A 239 -16.26 5.92 -10.42
C VAL A 239 -16.41 5.30 -9.04
N GLU A 240 -16.65 6.15 -8.04
CA GLU A 240 -17.22 5.72 -6.77
C GLU A 240 -18.74 5.58 -6.89
N PRO A 241 -19.28 4.37 -6.62
CA PRO A 241 -20.73 4.17 -6.72
C PRO A 241 -21.53 4.70 -5.52
N VAL A 242 -22.55 5.49 -5.86
CA VAL A 242 -23.59 6.01 -4.94
C VAL A 242 -23.08 7.09 -4.01
N VAL A 243 -21.94 6.86 -3.36
CA VAL A 243 -21.36 7.87 -2.47
C VAL A 243 -19.93 8.24 -2.90
N GLN A 244 -19.68 9.53 -3.10
CA GLN A 244 -18.32 10.03 -3.31
C GLN A 244 -17.79 10.50 -1.97
N GLY A 245 -16.71 9.89 -1.47
CA GLY A 245 -16.25 10.21 -0.13
C GLY A 245 -15.41 11.46 0.04
N ALA A 246 -14.10 11.31 -0.15
CA ALA A 246 -13.15 12.36 0.21
C ALA A 246 -13.29 13.58 -0.68
N GLY A 247 -13.91 13.41 -1.84
CA GLY A 247 -14.15 14.54 -2.72
C GLY A 247 -15.34 15.40 -2.34
N GLY A 248 -16.06 15.04 -1.27
CA GLY A 248 -17.18 15.86 -0.82
C GLY A 248 -18.41 15.23 -0.19
N MET A 249 -18.35 13.95 0.19
CA MET A 249 -19.48 13.24 0.79
CA MET A 249 -19.51 13.30 0.82
CA MET A 249 -19.49 13.25 0.79
C MET A 249 -20.80 13.55 0.07
N ARG A 250 -20.76 13.42 -1.26
CA ARG A 250 -21.92 13.64 -2.10
C ARG A 250 -22.58 12.31 -2.39
N PHE A 251 -23.91 12.28 -2.40
CA PHE A 251 -24.64 11.08 -2.77
C PHE A 251 -25.24 11.28 -4.15
N HIS A 252 -25.34 10.22 -4.95
CA HIS A 252 -26.10 10.31 -6.19
C HIS A 252 -27.05 9.13 -6.35
N ASP A 253 -28.04 9.30 -7.21
CA ASP A 253 -29.05 8.28 -7.45
C ASP A 253 -28.43 7.02 -8.05
N PRO A 254 -28.69 5.86 -7.46
CA PRO A 254 -28.07 4.62 -7.96
C PRO A 254 -28.41 4.34 -9.43
N ARG A 255 -29.49 4.92 -9.93
CA ARG A 255 -29.90 4.70 -11.32
CA ARG A 255 -29.89 4.69 -11.32
C ARG A 255 -28.81 5.14 -12.29
N TYR A 256 -28.00 6.12 -11.89
CA TYR A 256 -26.87 6.54 -12.74
C TYR A 256 -25.93 5.38 -13.00
N LEU A 257 -25.83 4.45 -12.05
CA LEU A 257 -24.90 3.32 -12.19
C LEU A 257 -25.41 2.34 -13.23
N HIS A 258 -26.73 2.21 -13.26
CA HIS A 258 -27.40 1.43 -14.28
C HIS A 258 -27.09 2.01 -15.66
N ASP A 259 -27.18 3.34 -15.78
CA ASP A 259 -26.89 3.99 -17.05
C ASP A 259 -25.43 3.80 -17.44
N LEU A 260 -24.51 3.99 -16.49
CA LEU A 260 -23.10 3.76 -16.77
C LEU A 260 -22.82 2.35 -17.28
N ARG A 261 -23.42 1.36 -16.63
CA ARG A 261 -23.24 -0.02 -17.03
C ARG A 261 -23.67 -0.19 -18.50
N ASP A 262 -24.82 0.37 -18.83
CA ASP A 262 -25.40 0.29 -20.18
C ASP A 262 -24.49 0.97 -21.20
N ILE A 263 -24.10 2.21 -20.90
CA ILE A 263 -23.22 2.97 -21.78
C ILE A 263 -21.91 2.22 -22.00
N CYS A 264 -21.31 1.73 -20.91
CA CYS A 264 -20.04 1.04 -21.03
C CYS A 264 -20.14 -0.21 -21.89
N ARG A 265 -21.22 -0.97 -21.73
CA ARG A 265 -21.43 -2.18 -22.52
C ARG A 265 -21.54 -1.85 -24.02
N ARG A 266 -22.35 -0.87 -24.34
CA ARG A 266 -22.61 -0.56 -25.75
C ARG A 266 -21.38 0.03 -26.44
N TYR A 267 -20.56 0.78 -25.70
CA TYR A 267 -19.40 1.43 -26.32
C TYR A 267 -18.09 0.68 -26.11
N GLU A 268 -18.18 -0.50 -25.49
CA GLU A 268 -17.04 -1.37 -25.23
C GLU A 268 -15.95 -0.63 -24.46
N VAL A 269 -16.35 -0.12 -23.31
CA VAL A 269 -15.43 0.50 -22.38
C VAL A 269 -15.64 -0.24 -21.05
N LEU A 270 -14.56 -0.59 -20.36
CA LEU A 270 -14.74 -1.32 -19.11
C LEU A 270 -15.29 -0.40 -18.03
N LEU A 271 -16.01 -0.98 -17.08
CA LEU A 271 -16.57 -0.23 -15.96
C LEU A 271 -15.86 -0.64 -14.67
N ILE A 272 -15.30 0.33 -13.96
CA ILE A 272 -14.58 0.06 -12.72
C ILE A 272 -15.27 0.79 -11.60
N PHE A 273 -15.62 0.05 -10.53
CA PHE A 273 -16.17 0.67 -9.34
C PHE A 273 -15.14 0.68 -8.23
N ASP A 274 -14.93 1.86 -7.66
CA ASP A 274 -14.04 2.03 -6.53
C ASP A 274 -14.90 2.03 -5.27
N GLU A 275 -14.91 0.89 -4.58
CA GLU A 275 -15.73 0.69 -3.40
C GLU A 275 -14.86 0.65 -2.15
N ILE A 276 -13.70 1.30 -2.22
CA ILE A 276 -12.76 1.32 -1.09
C ILE A 276 -13.38 2.04 0.12
N ALA A 277 -14.18 3.07 -0.11
CA ALA A 277 -14.92 3.69 1.00
C ALA A 277 -16.33 3.09 1.21
N THR A 278 -16.97 2.63 0.14
CA THR A 278 -18.38 2.27 0.23
C THR A 278 -18.65 0.81 0.64
N GLY A 279 -17.61 -0.03 0.58
CA GLY A 279 -17.79 -1.45 0.76
C GLY A 279 -18.20 -1.92 2.15
N PHE A 280 -18.63 -3.17 2.21
CA PHE A 280 -18.91 -3.87 3.46
C PHE A 280 -19.94 -3.16 4.31
N GLY A 281 -21.04 -2.75 3.67
CA GLY A 281 -22.24 -2.35 4.39
C GLY A 281 -22.43 -0.87 4.64
N ARG A 282 -21.42 -0.06 4.38
CA ARG A 282 -21.42 1.33 4.82
C ARG A 282 -22.58 2.19 4.29
N THR A 283 -23.02 1.95 3.05
CA THR A 283 -24.11 2.72 2.46
C THR A 283 -25.51 2.07 2.61
N GLY A 284 -25.60 0.98 3.37
CA GLY A 284 -26.87 0.35 3.62
C GLY A 284 -27.10 -0.89 2.77
N ALA A 285 -26.23 -1.07 1.78
CA ALA A 285 -26.18 -2.32 1.02
C ALA A 285 -24.79 -2.91 1.20
N LEU A 286 -24.61 -4.20 0.92
CA LEU A 286 -23.34 -4.83 1.21
C LEU A 286 -22.23 -4.13 0.42
N PHE A 287 -22.46 -3.92 -0.87
CA PHE A 287 -21.62 -3.06 -1.69
C PHE A 287 -22.56 -2.06 -2.34
N ALA A 288 -22.05 -0.86 -2.58
CA ALA A 288 -22.89 0.24 -3.05
C ALA A 288 -23.47 -0.06 -4.42
N ALA A 289 -22.70 -0.80 -5.21
CA ALA A 289 -23.20 -1.30 -6.50
C ALA A 289 -24.54 -2.03 -6.37
N ASP A 290 -24.77 -2.70 -5.23
CA ASP A 290 -25.96 -3.51 -5.05
C ASP A 290 -27.23 -2.65 -5.04
N HIS A 291 -27.07 -1.35 -4.76
CA HIS A 291 -28.19 -0.42 -4.78
C HIS A 291 -28.77 -0.31 -6.19
N ALA A 292 -27.97 -0.62 -7.20
CA ALA A 292 -28.41 -0.54 -8.59
C ALA A 292 -28.48 -1.89 -9.27
N GLY A 293 -28.04 -2.95 -8.57
CA GLY A 293 -28.00 -4.29 -9.14
C GLY A 293 -26.93 -4.44 -10.21
N VAL A 294 -25.96 -3.53 -10.19
CA VAL A 294 -24.96 -3.45 -11.25
C VAL A 294 -23.67 -4.20 -10.90
N SER A 295 -23.12 -4.91 -11.88
CA SER A 295 -21.80 -5.53 -11.77
C SER A 295 -20.79 -4.76 -12.63
N PRO A 296 -19.71 -4.24 -12.02
CA PRO A 296 -18.64 -3.65 -12.82
C PRO A 296 -17.77 -4.76 -13.39
N ASP A 297 -16.88 -4.42 -14.32
CA ASP A 297 -15.91 -5.38 -14.82
C ASP A 297 -14.76 -5.57 -13.82
N ILE A 298 -14.45 -4.49 -13.10
CA ILE A 298 -13.34 -4.45 -12.15
C ILE A 298 -13.85 -3.71 -10.92
N MET A 299 -13.41 -4.12 -9.73
CA MET A 299 -13.86 -3.52 -8.49
C MET A 299 -12.71 -3.41 -7.50
N CYS A 300 -12.64 -2.29 -6.79
CA CYS A 300 -11.65 -2.13 -5.73
C CYS A 300 -12.29 -2.06 -4.35
N VAL A 301 -11.67 -2.73 -3.37
CA VAL A 301 -12.11 -2.62 -1.97
C VAL A 301 -10.89 -2.39 -1.07
N GLY A 302 -11.08 -1.81 0.12
N GLY A 302 -11.15 -1.80 0.09
CA GLY A 302 -9.92 -1.48 0.95
CA GLY A 302 -10.09 -1.54 1.02
C GLY A 302 -10.07 -1.17 2.43
C GLY A 302 -10.71 -1.07 2.31
N LYS A 303 -10.29 0.11 2.75
CA LYS A 303 -10.51 0.62 4.12
C LYS A 303 -11.08 -0.35 5.17
N ALA A 304 -12.33 -0.77 5.02
CA ALA A 304 -12.99 -1.60 6.04
C ALA A 304 -12.77 -3.11 5.85
N LEU A 305 -11.98 -3.48 4.86
CA LEU A 305 -11.76 -4.89 4.55
C LEU A 305 -11.22 -5.68 5.74
N THR A 306 -10.30 -5.08 6.50
CA THR A 306 -9.73 -5.76 7.66
C THR A 306 -10.39 -5.34 8.94
N GLY A 307 -11.51 -4.63 8.85
CA GLY A 307 -12.15 -4.09 10.05
C GLY A 307 -11.28 -3.04 10.73
N GLY A 308 -10.38 -2.44 9.96
CA GLY A 308 -9.58 -1.36 10.49
C GLY A 308 -8.36 -1.77 11.31
N TYR A 309 -7.93 -3.02 11.18
CA TYR A 309 -6.77 -3.50 11.91
C TYR A 309 -5.47 -3.26 11.16
N LEU A 310 -5.47 -3.59 9.87
CA LEU A 310 -4.24 -3.68 9.09
C LEU A 310 -4.50 -3.23 7.68
N SER A 311 -3.47 -2.71 7.02
CA SER A 311 -3.59 -2.31 5.63
CA SER A 311 -3.64 -2.30 5.64
CA SER A 311 -3.56 -2.33 5.62
C SER A 311 -3.81 -3.54 4.75
N LEU A 312 -4.84 -3.49 3.91
CA LEU A 312 -5.11 -4.54 2.93
C LEU A 312 -6.12 -3.99 1.95
N ALA A 313 -6.00 -4.37 0.68
CA ALA A 313 -6.96 -3.94 -0.32
C ALA A 313 -7.06 -5.04 -1.35
N ALA A 314 -8.06 -4.99 -2.20
CA ALA A 314 -8.19 -6.03 -3.21
C ALA A 314 -8.76 -5.44 -4.48
N THR A 315 -8.33 -5.98 -5.61
CA THR A 315 -8.91 -5.62 -6.89
C THR A 315 -9.47 -6.89 -7.50
N LEU A 316 -10.77 -6.90 -7.79
CA LEU A 316 -11.44 -8.05 -8.41
C LEU A 316 -11.73 -7.73 -9.87
N CYS A 317 -11.67 -8.74 -10.73
CA CYS A 317 -12.10 -8.58 -12.11
C CYS A 317 -12.75 -9.86 -12.60
N THR A 318 -13.49 -9.74 -13.69
CA THR A 318 -14.22 -10.85 -14.28
C THR A 318 -13.28 -11.90 -14.85
N ALA A 319 -13.82 -13.09 -15.09
CA ALA A 319 -13.01 -14.13 -15.72
C ALA A 319 -12.57 -13.68 -17.11
N ASP A 320 -13.47 -13.01 -17.82
CA ASP A 320 -13.13 -12.59 -19.17
C ASP A 320 -11.98 -11.58 -19.18
N VAL A 321 -11.97 -10.64 -18.24
CA VAL A 321 -10.84 -9.73 -18.14
C VAL A 321 -9.58 -10.51 -17.79
N ALA A 322 -9.69 -11.46 -16.86
CA ALA A 322 -8.53 -12.23 -16.40
C ALA A 322 -7.94 -13.09 -17.52
N HIS A 323 -8.84 -13.72 -18.27
CA HIS A 323 -8.41 -14.61 -19.34
C HIS A 323 -7.78 -13.84 -20.48
N THR A 324 -8.30 -12.66 -20.76
CA THR A 324 -7.80 -11.86 -21.87
C THR A 324 -6.40 -11.34 -21.57
N ILE A 325 -6.19 -10.87 -20.34
CA ILE A 325 -4.87 -10.47 -19.91
C ILE A 325 -3.92 -11.67 -19.98
N SER A 326 -4.38 -12.82 -19.52
CA SER A 326 -3.54 -14.01 -19.42
C SER A 326 -3.16 -14.58 -20.79
N ALA A 327 -3.97 -14.28 -21.80
CA ALA A 327 -3.72 -14.79 -23.14
C ALA A 327 -3.01 -13.76 -24.02
N GLY A 328 -2.72 -12.61 -23.43
CA GLY A 328 -2.08 -11.52 -24.15
C GLY A 328 -0.56 -11.65 -24.21
N ALA A 329 0.08 -10.64 -24.80
CA ALA A 329 1.53 -10.66 -25.03
C ALA A 329 2.32 -10.91 -23.75
N ALA A 330 1.90 -10.29 -22.66
CA ALA A 330 2.60 -10.44 -21.40
C ALA A 330 2.33 -11.81 -20.80
N GLY A 331 1.17 -12.37 -21.10
CA GLY A 331 0.75 -13.66 -20.54
C GLY A 331 0.47 -13.59 -19.05
N ALA A 332 0.43 -12.39 -18.50
CA ALA A 332 0.29 -12.24 -17.04
C ALA A 332 0.01 -10.79 -16.70
N LEU A 333 -0.54 -10.56 -15.52
CA LEU A 333 -0.77 -9.21 -15.01
C LEU A 333 0.51 -8.72 -14.34
N MET A 334 1.06 -7.62 -14.81
CA MET A 334 2.43 -7.29 -14.43
C MET A 334 2.52 -6.46 -13.17
N HIS A 335 2.19 -7.10 -12.06
CA HIS A 335 2.12 -6.43 -10.76
C HIS A 335 2.32 -7.48 -9.69
N GLY A 336 2.98 -7.12 -8.60
CA GLY A 336 3.18 -8.09 -7.52
C GLY A 336 3.80 -7.46 -6.29
N PRO A 337 2.94 -6.99 -5.37
CA PRO A 337 3.41 -6.37 -4.13
C PRO A 337 4.15 -7.36 -3.26
N THR A 338 5.17 -6.87 -2.56
CA THR A 338 5.97 -7.67 -1.64
C THR A 338 5.08 -8.42 -0.64
N PHE A 339 4.16 -7.72 -0.02
CA PHE A 339 3.32 -8.35 0.99
C PHE A 339 1.97 -8.79 0.43
N MET A 340 1.95 -9.10 -0.86
CA MET A 340 0.74 -9.55 -1.51
C MET A 340 0.09 -10.69 -0.73
N ALA A 341 -1.17 -10.51 -0.37
CA ALA A 341 -1.98 -11.56 0.30
C ALA A 341 -1.42 -11.96 1.65
N ASN A 342 -0.80 -11.02 2.34
CA ASN A 342 -0.26 -11.23 3.69
C ASN A 342 -1.19 -12.06 4.58
N PRO A 343 -0.72 -13.22 5.05
CA PRO A 343 -1.57 -14.09 5.88
C PRO A 343 -2.20 -13.38 7.09
N LEU A 344 -1.47 -12.51 7.78
CA LEU A 344 -2.07 -11.89 8.97
C LEU A 344 -3.24 -10.98 8.59
N ALA A 345 -3.01 -10.09 7.62
CA ALA A 345 -4.07 -9.20 7.17
C ALA A 345 -5.26 -9.97 6.59
N CYS A 346 -4.98 -11.02 5.83
CA CYS A 346 -6.05 -11.82 5.23
C CYS A 346 -6.87 -12.53 6.31
N ALA A 347 -6.18 -13.06 7.32
CA ALA A 347 -6.85 -13.75 8.42
C ALA A 347 -7.79 -12.84 9.17
N VAL A 348 -7.38 -11.61 9.47
CA VAL A 348 -8.28 -10.74 10.21
CA VAL A 348 -8.27 -10.69 10.18
C VAL A 348 -9.42 -10.27 9.30
N SER A 349 -9.16 -10.13 8.00
CA SER A 349 -10.20 -9.77 7.03
CA SER A 349 -10.20 -9.75 7.06
C SER A 349 -11.28 -10.84 6.95
N VAL A 350 -10.86 -12.10 6.87
CA VAL A 350 -11.78 -13.24 6.88
C VAL A 350 -12.71 -13.11 8.08
N ALA A 351 -12.11 -12.87 9.24
CA ALA A 351 -12.87 -12.75 10.47
C ALA A 351 -13.81 -11.56 10.42
N SER A 352 -13.32 -10.42 9.91
CA SER A 352 -14.15 -9.21 9.83
C SER A 352 -15.34 -9.40 8.88
N VAL A 353 -15.08 -9.95 7.70
CA VAL A 353 -16.15 -10.21 6.77
C VAL A 353 -17.14 -11.25 7.29
N GLU A 354 -16.66 -12.34 7.87
CA GLU A 354 -17.57 -13.34 8.45
C GLU A 354 -18.40 -12.76 9.59
N LEU A 355 -17.79 -11.91 10.40
CA LEU A 355 -18.52 -11.28 11.49
C LEU A 355 -19.65 -10.39 10.96
N LEU A 356 -19.40 -9.72 9.84
CA LEU A 356 -20.42 -8.87 9.22
C LEU A 356 -21.57 -9.72 8.67
N LEU A 357 -21.23 -10.78 7.96
CA LEU A 357 -22.22 -11.59 7.26
C LEU A 357 -23.07 -12.41 8.23
N GLY A 358 -22.47 -12.74 9.38
CA GLY A 358 -23.09 -13.62 10.35
C GLY A 358 -24.10 -12.94 11.25
N GLN A 359 -24.26 -11.62 11.09
CA GLN A 359 -25.27 -10.88 11.84
C GLN A 359 -26.26 -10.26 10.86
N ASP A 360 -27.36 -9.69 11.36
CA ASP A 360 -28.31 -8.97 10.49
C ASP A 360 -27.77 -7.56 10.26
N TRP A 361 -26.77 -7.45 9.40
CA TRP A 361 -26.09 -6.17 9.19
C TRP A 361 -27.02 -5.16 8.52
N ARG A 362 -27.97 -5.62 7.70
CA ARG A 362 -28.84 -4.69 6.98
CA ARG A 362 -28.85 -4.69 6.99
C ARG A 362 -29.73 -3.93 7.95
N THR A 363 -30.27 -4.64 8.94
CA THR A 363 -31.10 -4.01 9.96
C THR A 363 -30.24 -3.10 10.83
N ARG A 364 -29.03 -3.53 11.16
CA ARG A 364 -28.10 -2.69 11.93
C ARG A 364 -27.86 -1.35 11.25
N ILE A 365 -27.54 -1.37 9.96
CA ILE A 365 -27.24 -0.14 9.25
C ILE A 365 -28.49 0.72 9.06
N THR A 366 -29.63 0.07 8.85
CA THR A 366 -30.89 0.80 8.77
C THR A 366 -31.15 1.57 10.06
N GLU A 367 -30.95 0.89 11.20
CA GLU A 367 -31.15 1.51 12.52
C GLU A 367 -30.15 2.66 12.76
N LEU A 368 -28.92 2.45 12.31
CA LEU A 368 -27.90 3.49 12.38
CA LEU A 368 -27.88 3.47 12.38
C LEU A 368 -28.28 4.69 11.56
N ALA A 369 -28.75 4.45 10.34
CA ALA A 369 -29.14 5.55 9.46
C ALA A 369 -30.31 6.34 10.05
N ALA A 370 -31.27 5.62 10.63
CA ALA A 370 -32.41 6.29 11.25
C ALA A 370 -31.94 7.15 12.42
N GLY A 371 -30.98 6.63 13.18
CA GLY A 371 -30.43 7.37 14.31
C GLY A 371 -29.74 8.64 13.85
N LEU A 372 -28.97 8.53 12.76
CA LEU A 372 -28.29 9.70 12.24
C LEU A 372 -29.28 10.72 11.70
N THR A 373 -30.29 10.23 10.98
CA THR A 373 -31.29 11.12 10.41
C THR A 373 -32.01 11.88 11.52
N ALA A 374 -32.41 11.16 12.56
CA ALA A 374 -33.18 11.76 13.65
C ALA A 374 -32.34 12.77 14.40
N GLY A 375 -31.10 12.41 14.66
CA GLY A 375 -30.20 13.22 15.45
C GLY A 375 -29.69 14.47 14.76
N LEU A 376 -29.66 14.45 13.42
CA LEU A 376 -29.12 15.56 12.65
C LEU A 376 -30.20 16.51 12.18
N ASP A 377 -31.46 16.15 12.39
CA ASP A 377 -32.57 16.95 11.87
C ASP A 377 -32.55 18.43 12.30
N THR A 378 -32.26 18.70 13.56
CA THR A 378 -32.28 20.10 14.01
C THR A 378 -31.17 20.95 13.39
N ALA A 379 -30.17 20.31 12.77
CA ALA A 379 -29.09 21.06 12.13
C ALA A 379 -29.59 21.79 10.91
N ARG A 380 -30.68 21.30 10.30
CA ARG A 380 -31.17 21.88 9.06
C ARG A 380 -31.56 23.34 9.27
N ALA A 381 -31.94 23.68 10.50
CA ALA A 381 -32.42 25.02 10.81
C ALA A 381 -31.31 26.00 11.18
N LEU A 382 -30.09 25.52 11.41
CA LEU A 382 -29.00 26.39 11.83
C LEU A 382 -28.60 27.35 10.70
N PRO A 383 -28.20 28.58 11.06
CA PRO A 383 -27.90 29.62 10.07
C PRO A 383 -26.77 29.29 9.09
N ALA A 384 -25.78 28.49 9.51
CA ALA A 384 -24.64 28.19 8.65
C ALA A 384 -24.75 26.85 7.96
N VAL A 385 -25.91 26.21 8.04
CA VAL A 385 -26.06 24.87 7.46
C VAL A 385 -26.77 24.95 6.13
N THR A 386 -26.18 24.37 5.09
CA THR A 386 -26.78 24.40 3.77
C THR A 386 -27.48 23.08 3.39
N ASP A 387 -27.05 21.95 3.94
CA ASP A 387 -27.69 20.68 3.68
C ASP A 387 -27.43 19.69 4.82
N VAL A 388 -28.39 18.80 5.06
CA VAL A 388 -28.17 17.66 5.93
C VAL A 388 -28.56 16.41 5.15
N ARG A 389 -27.67 15.43 5.13
CA ARG A 389 -27.92 14.24 4.33
C ARG A 389 -27.33 13.01 4.97
N VAL A 390 -28.07 11.90 4.84
CA VAL A 390 -27.68 10.62 5.41
C VAL A 390 -27.79 9.51 4.38
N CYS A 391 -26.77 8.65 4.31
CA CYS A 391 -26.86 7.47 3.46
C CYS A 391 -26.26 6.28 4.20
N GLY A 392 -27.10 5.36 4.63
CA GLY A 392 -26.66 4.27 5.47
C GLY A 392 -25.97 4.81 6.71
N ALA A 393 -24.79 4.29 7.03
CA ALA A 393 -24.08 4.73 8.23
C ALA A 393 -23.13 5.90 7.90
N ILE A 394 -23.68 6.87 7.17
CA ILE A 394 -22.99 8.09 6.80
C ILE A 394 -23.90 9.27 7.06
N GLY A 395 -23.48 10.19 7.92
CA GLY A 395 -24.28 11.37 8.19
C GLY A 395 -23.47 12.63 7.93
N VAL A 396 -24.08 13.57 7.21
CA VAL A 396 -23.36 14.75 6.78
C VAL A 396 -24.13 16.05 7.06
N ILE A 397 -23.48 16.98 7.74
CA ILE A 397 -23.92 18.38 7.75
C ILE A 397 -23.01 19.20 6.82
N GLU A 398 -23.58 19.74 5.74
CA GLU A 398 -22.82 20.61 4.84
C GLU A 398 -23.02 22.07 5.26
N CYS A 399 -21.93 22.76 5.55
CA CYS A 399 -22.00 24.14 6.04
C CYS A 399 -21.75 25.16 4.95
N ASP A 400 -21.95 26.44 5.29
CA ASP A 400 -21.89 27.50 4.29
C ASP A 400 -20.49 28.12 4.23
N ARG A 401 -19.57 27.56 5.01
CA ARG A 401 -18.18 28.03 5.02
C ARG A 401 -17.25 26.89 5.43
N PRO A 402 -15.95 27.02 5.11
CA PRO A 402 -15.00 26.02 5.60
C PRO A 402 -15.02 25.94 7.12
N VAL A 403 -14.97 24.72 7.64
CA VAL A 403 -15.05 24.53 9.09
C VAL A 403 -13.67 24.68 9.72
N ASP A 404 -13.57 25.54 10.72
CA ASP A 404 -12.31 25.77 11.41
C ASP A 404 -12.06 24.65 12.42
N LEU A 405 -11.07 23.80 12.12
CA LEU A 405 -10.75 22.65 12.97
C LEU A 405 -10.34 23.06 14.38
N ALA A 406 -9.69 24.23 14.51
CA ALA A 406 -9.21 24.68 15.82
C ALA A 406 -10.38 24.93 16.76
N VAL A 407 -11.56 25.19 16.19
CA VAL A 407 -12.78 25.36 16.97
C VAL A 407 -13.54 24.03 17.07
N ALA A 408 -13.71 23.37 15.93
CA ALA A 408 -14.56 22.19 15.86
C ALA A 408 -14.03 20.99 16.65
N THR A 409 -12.73 20.69 16.56
CA THR A 409 -12.21 19.50 17.24
C THR A 409 -12.39 19.56 18.75
N PRO A 410 -11.95 20.66 19.39
CA PRO A 410 -12.17 20.68 20.84
C PRO A 410 -13.64 20.77 21.25
N ALA A 411 -14.48 21.41 20.43
CA ALA A 411 -15.90 21.46 20.73
C ALA A 411 -16.50 20.04 20.73
N ALA A 412 -16.04 19.20 19.79
CA ALA A 412 -16.52 17.83 19.80
C ALA A 412 -15.91 17.02 20.96
N LEU A 413 -14.61 17.23 21.23
CA LEU A 413 -13.96 16.54 22.33
C LEU A 413 -14.64 16.90 23.66
N ASP A 414 -15.02 18.16 23.81
CA ASP A 414 -15.78 18.60 25.01
C ASP A 414 -17.10 17.85 25.19
N ARG A 415 -17.61 17.28 24.11
CA ARG A 415 -18.87 16.56 24.15
CA ARG A 415 -18.87 16.56 24.09
C ARG A 415 -18.65 15.05 24.00
N GLY A 416 -17.40 14.63 24.18
CA GLY A 416 -17.06 13.22 24.25
C GLY A 416 -16.99 12.50 22.91
N VAL A 417 -16.67 13.24 21.86
CA VAL A 417 -16.68 12.68 20.52
C VAL A 417 -15.43 13.08 19.74
N TRP A 418 -14.83 12.13 19.05
CA TRP A 418 -13.79 12.44 18.08
C TRP A 418 -14.44 12.71 16.72
N LEU A 419 -14.44 13.96 16.30
CA LEU A 419 -14.96 14.39 15.00
C LEU A 419 -13.89 15.12 14.26
N ARG A 420 -13.76 14.82 12.97
N ARG A 420 -13.73 14.81 12.98
CA ARG A 420 -12.79 15.46 12.10
CA ARG A 420 -12.76 15.55 12.18
C ARG A 420 -13.46 16.03 10.86
C ARG A 420 -13.41 16.05 10.89
N PRO A 421 -13.89 17.30 10.90
CA PRO A 421 -14.46 17.90 9.70
C PRO A 421 -13.44 17.99 8.58
N PHE A 422 -13.90 18.15 7.35
CA PHE A 422 -12.98 18.61 6.32
C PHE A 422 -13.76 19.49 5.36
N ARG A 423 -13.06 20.45 4.76
CA ARG A 423 -13.69 21.51 3.97
CA ARG A 423 -13.69 21.50 3.98
C ARG A 423 -14.87 22.07 4.75
N ASN A 424 -16.03 22.17 4.11
CA ASN A 424 -17.22 22.72 4.76
C ASN A 424 -18.11 21.64 5.35
N LEU A 425 -17.53 20.48 5.64
CA LEU A 425 -18.32 19.31 6.03
C LEU A 425 -18.10 18.86 7.46
N VAL A 426 -19.20 18.77 8.22
CA VAL A 426 -19.19 18.13 9.53
C VAL A 426 -19.88 16.78 9.36
N TYR A 427 -19.13 15.69 9.49
CA TYR A 427 -19.71 14.42 9.09
C TYR A 427 -19.23 13.28 9.96
N ALA A 428 -19.93 12.16 9.87
CA ALA A 428 -19.56 10.99 10.64
C ALA A 428 -19.83 9.72 9.86
N MET A 429 -18.97 8.72 10.11
CA MET A 429 -19.19 7.38 9.62
CA MET A 429 -19.13 7.37 9.61
C MET A 429 -18.85 6.45 10.77
N PRO A 430 -19.81 6.31 11.69
CA PRO A 430 -19.61 5.61 12.96
C PRO A 430 -19.43 4.11 12.81
N PRO A 431 -18.77 3.49 13.81
CA PRO A 431 -18.69 2.02 13.84
C PRO A 431 -20.09 1.39 13.91
N TYR A 432 -20.27 0.21 13.32
CA TYR A 432 -21.61 -0.39 13.25
C TYR A 432 -22.11 -0.82 14.61
N ILE A 433 -21.18 -0.96 15.54
CA ILE A 433 -21.49 -1.41 16.90
C ILE A 433 -21.94 -0.29 17.82
N CYS A 434 -22.04 0.94 17.31
CA CYS A 434 -22.53 2.05 18.15
C CYS A 434 -23.98 1.82 18.58
N THR A 435 -24.24 2.01 19.86
CA THR A 435 -25.60 1.94 20.35
C THR A 435 -26.40 3.16 19.91
N PRO A 436 -27.73 3.06 19.95
CA PRO A 436 -28.55 4.24 19.65
C PRO A 436 -28.15 5.44 20.52
N ALA A 437 -27.83 5.23 21.79
CA ALA A 437 -27.42 6.34 22.65
C ALA A 437 -26.11 6.97 22.17
N GLU A 438 -25.16 6.13 21.75
CA GLU A 438 -23.88 6.61 21.23
C GLU A 438 -24.07 7.38 19.92
N ILE A 439 -24.97 6.91 19.07
CA ILE A 439 -25.22 7.61 17.81
C ILE A 439 -25.79 9.00 18.08
N THR A 440 -26.68 9.11 19.05
CA THR A 440 -27.29 10.37 19.40
CA THR A 440 -27.25 10.42 19.26
C THR A 440 -26.26 11.31 20.04
N GLN A 441 -25.31 10.72 20.78
CA GLN A 441 -24.22 11.50 21.35
C GLN A 441 -23.35 12.09 20.24
N ILE A 442 -23.06 11.27 19.24
CA ILE A 442 -22.33 11.72 18.06
C ILE A 442 -23.07 12.83 17.31
N THR A 443 -24.35 12.60 17.01
CA THR A 443 -25.08 13.61 16.23
C THR A 443 -25.26 14.88 17.03
N SER A 444 -25.42 14.78 18.35
CA SER A 444 -25.52 15.96 19.18
CA SER A 444 -25.51 15.96 19.20
C SER A 444 -24.24 16.80 19.10
N ALA A 445 -23.09 16.15 19.12
CA ALA A 445 -21.81 16.82 18.98
C ALA A 445 -21.69 17.49 17.61
N MET A 446 -22.16 16.80 16.58
CA MET A 446 -22.12 17.35 15.23
C MET A 446 -22.98 18.62 15.13
N VAL A 447 -24.16 18.59 15.74
CA VAL A 447 -25.06 19.74 15.75
C VAL A 447 -24.43 20.93 16.47
N GLU A 448 -23.79 20.67 17.61
CA GLU A 448 -23.18 21.76 18.36
C GLU A 448 -21.97 22.33 17.63
N VAL A 449 -21.26 21.48 16.89
CA VAL A 449 -20.16 21.97 16.07
C VAL A 449 -20.69 22.89 14.98
N ALA A 450 -21.77 22.44 14.31
CA ALA A 450 -22.40 23.24 13.26
C ALA A 450 -22.94 24.56 13.82
N ARG A 451 -23.40 24.53 15.06
CA ARG A 451 -23.89 25.75 15.69
C ARG A 451 -22.75 26.75 15.86
N LEU A 452 -21.59 26.23 16.26
CA LEU A 452 -20.42 27.06 16.48
C LEU A 452 -19.86 27.64 15.18
N VAL A 453 -19.98 26.89 14.10
CA VAL A 453 -19.56 27.38 12.79
C VAL A 453 -20.31 28.65 12.44
N GLY A 454 -21.60 28.69 12.76
CA GLY A 454 -22.42 29.87 12.54
C GLY A 454 -22.24 30.97 13.58
N SER A 455 -21.35 30.75 14.54
CA SER A 455 -21.02 31.74 15.55
C SER A 455 -19.73 32.49 15.18
N GLY B 27 -12.50 -23.24 6.93
CA GLY B 27 -11.38 -24.16 6.86
C GLY B 27 -11.28 -24.86 5.52
N LEU B 28 -10.06 -24.99 5.01
CA LEU B 28 -9.81 -25.63 3.72
C LEU B 28 -8.59 -26.56 3.79
N THR B 29 -8.70 -27.72 3.18
CA THR B 29 -7.59 -28.65 3.02
C THR B 29 -6.64 -28.09 1.98
N PRO B 30 -5.37 -28.56 1.97
CA PRO B 30 -4.45 -28.19 0.88
C PRO B 30 -5.04 -28.39 -0.51
N GLU B 31 -5.73 -29.50 -0.75
CA GLU B 31 -6.34 -29.72 -2.06
C GLU B 31 -7.44 -28.69 -2.35
N GLN B 32 -8.23 -28.36 -1.33
CA GLN B 32 -9.25 -27.33 -1.47
C GLN B 32 -8.62 -25.95 -1.71
N ILE B 33 -7.51 -25.67 -1.02
CA ILE B 33 -6.78 -24.42 -1.20
C ILE B 33 -6.32 -24.30 -2.64
N ILE B 34 -5.75 -25.37 -3.17
CA ILE B 34 -5.29 -25.37 -4.57
C ILE B 34 -6.42 -25.09 -5.54
N ALA B 35 -7.60 -25.66 -5.25
CA ALA B 35 -8.77 -25.51 -6.12
C ALA B 35 -9.26 -24.06 -6.13
N VAL B 36 -9.41 -23.47 -4.94
CA VAL B 36 -9.81 -22.07 -4.83
C VAL B 36 -8.76 -21.15 -5.48
N ASP B 37 -7.50 -21.42 -5.20
CA ASP B 37 -6.40 -20.59 -5.71
C ASP B 37 -6.36 -20.56 -7.24
N GLY B 38 -6.49 -21.74 -7.86
CA GLY B 38 -6.41 -21.79 -9.31
C GLY B 38 -7.55 -21.05 -10.00
N ALA B 39 -8.71 -21.05 -9.35
CA ALA B 39 -9.90 -20.42 -9.93
C ALA B 39 -9.91 -18.90 -9.71
N HIS B 40 -9.43 -18.48 -8.54
CA HIS B 40 -9.76 -17.14 -8.04
C HIS B 40 -8.56 -16.24 -7.65
N LEU B 41 -7.37 -16.80 -7.48
CA LEU B 41 -6.28 -15.99 -6.93
C LEU B 41 -5.22 -15.60 -7.95
N TRP B 42 -5.01 -14.30 -8.10
CA TRP B 42 -3.85 -13.78 -8.82
C TRP B 42 -2.62 -13.92 -7.91
N HIS B 43 -1.46 -14.15 -8.53
CA HIS B 43 -0.19 -14.18 -7.81
C HIS B 43 0.73 -13.12 -8.44
N PRO B 44 1.91 -12.88 -7.86
CA PRO B 44 2.73 -11.79 -8.45
C PRO B 44 3.11 -12.12 -9.88
N TYR B 45 2.87 -11.17 -10.79
CA TYR B 45 3.25 -11.32 -12.19
C TYR B 45 2.81 -12.66 -12.75
N SER B 46 1.54 -12.99 -12.54
CA SER B 46 1.03 -14.30 -12.90
C SER B 46 -0.18 -14.20 -13.80
N SER B 47 -0.66 -15.37 -14.22
CA SER B 47 -1.89 -15.46 -15.00
C SER B 47 -2.98 -16.04 -14.13
N ILE B 48 -4.21 -16.01 -14.63
CA ILE B 48 -5.25 -16.89 -14.15
C ILE B 48 -5.44 -17.96 -15.21
N GLY B 49 -5.34 -19.22 -14.82
CA GLY B 49 -5.66 -20.32 -15.71
C GLY B 49 -4.54 -20.75 -16.65
N ARG B 50 -3.38 -20.10 -16.59
CA ARG B 50 -2.29 -20.49 -17.49
C ARG B 50 -0.97 -20.68 -16.77
N GLU B 51 -1.02 -20.95 -15.47
CA GLU B 51 0.19 -21.22 -14.71
C GLU B 51 0.79 -22.55 -15.13
N ALA B 52 2.08 -22.54 -15.45
CA ALA B 52 2.79 -23.77 -15.81
C ALA B 52 2.82 -24.75 -14.64
N VAL B 53 3.05 -24.22 -13.44
CA VAL B 53 3.03 -25.04 -12.23
C VAL B 53 2.12 -24.40 -11.18
N SER B 54 1.37 -25.21 -10.45
CA SER B 54 0.56 -24.70 -9.36
C SER B 54 1.46 -24.09 -8.29
N PRO B 55 0.96 -23.08 -7.56
CA PRO B 55 1.76 -22.72 -6.37
C PRO B 55 1.74 -23.86 -5.36
N VAL B 56 2.72 -23.84 -4.47
CA VAL B 56 2.83 -24.81 -3.40
C VAL B 56 2.14 -24.26 -2.17
N VAL B 57 1.33 -25.10 -1.52
CA VAL B 57 0.61 -24.68 -0.32
C VAL B 57 1.56 -24.58 0.86
N ALA B 58 1.60 -23.41 1.49
CA ALA B 58 2.34 -23.19 2.72
C ALA B 58 1.39 -23.27 3.89
N VAL B 59 1.73 -24.04 4.93
CA VAL B 59 0.80 -24.20 6.05
C VAL B 59 1.37 -23.72 7.39
N ALA B 60 2.67 -23.45 7.44
CA ALA B 60 3.29 -22.87 8.62
C ALA B 60 4.63 -22.22 8.29
N ALA B 61 5.08 -21.32 9.15
CA ALA B 61 6.42 -20.76 9.05
C ALA B 61 6.93 -20.47 10.44
N HIS B 62 8.13 -20.95 10.74
CA HIS B 62 8.74 -20.68 12.05
CA HIS B 62 8.74 -20.72 12.06
C HIS B 62 10.25 -20.61 11.94
N GLY B 63 10.83 -19.52 12.47
CA GLY B 63 12.25 -19.29 12.34
C GLY B 63 12.59 -19.18 10.86
N ALA B 64 13.60 -19.92 10.44
CA ALA B 64 14.08 -19.90 9.07
C ALA B 64 13.36 -20.91 8.16
N TRP B 65 12.36 -21.59 8.71
CA TRP B 65 11.72 -22.71 8.02
C TRP B 65 10.26 -22.50 7.67
N LEU B 66 9.89 -22.88 6.45
CA LEU B 66 8.50 -22.97 6.02
C LEU B 66 8.03 -24.41 6.07
N THR B 67 6.76 -24.61 6.39
CA THR B 67 6.17 -25.92 6.21
C THR B 67 5.31 -25.87 4.96
N LEU B 68 5.68 -26.69 3.97
CA LEU B 68 5.02 -26.70 2.67
C LEU B 68 4.45 -28.09 2.39
N ILE B 69 3.45 -28.15 1.51
CA ILE B 69 2.83 -29.41 1.19
C ILE B 69 3.37 -29.96 -0.14
N ARG B 70 3.98 -31.14 -0.05
CA ARG B 70 4.54 -31.81 -1.21
CA ARG B 70 4.48 -31.80 -1.26
C ARG B 70 3.92 -33.21 -1.30
N ASP B 71 3.15 -33.48 -2.35
CA ASP B 71 2.45 -34.75 -2.51
C ASP B 71 1.63 -35.11 -1.26
N GLY B 72 0.89 -34.13 -0.77
CA GLY B 72 -0.02 -34.31 0.35
C GLY B 72 0.63 -34.28 1.72
N GLN B 73 1.95 -34.23 1.75
CA GLN B 73 2.70 -34.31 3.01
C GLN B 73 3.35 -32.98 3.42
N PRO B 74 3.26 -32.64 4.71
CA PRO B 74 3.95 -31.42 5.16
C PRO B 74 5.43 -31.66 5.35
N ILE B 75 6.26 -30.87 4.68
CA ILE B 75 7.69 -30.94 4.84
C ILE B 75 8.26 -29.57 5.20
N GLU B 76 9.28 -29.55 6.03
CA GLU B 76 9.89 -28.31 6.46
C GLU B 76 11.08 -28.00 5.58
N VAL B 77 11.12 -26.78 5.05
CA VAL B 77 12.21 -26.37 4.17
C VAL B 77 12.71 -24.97 4.54
N LEU B 78 13.97 -24.68 4.25
CA LEU B 78 14.58 -23.40 4.59
C LEU B 78 14.07 -22.29 3.67
N ASP B 79 13.64 -21.18 4.26
CA ASP B 79 13.19 -20.02 3.52
C ASP B 79 14.40 -19.23 3.03
N ALA B 80 15.01 -19.69 1.95
CA ALA B 80 16.26 -19.10 1.50
C ALA B 80 16.06 -17.70 0.94
N MET B 81 14.81 -17.37 0.62
CA MET B 81 14.49 -16.09 -0.01
C MET B 81 14.15 -15.05 1.04
N SER B 82 14.09 -15.48 2.30
CA SER B 82 13.50 -14.66 3.38
C SER B 82 12.11 -14.13 3.00
N SER B 83 11.35 -14.91 2.23
CA SER B 83 10.01 -14.51 1.81
C SER B 83 10.05 -13.15 1.11
N TRP B 84 10.85 -13.11 0.05
CA TRP B 84 11.03 -11.91 -0.79
C TRP B 84 11.66 -10.77 0.03
N TRP B 85 12.75 -11.13 0.72
CA TRP B 85 13.64 -10.13 1.35
CA TRP B 85 13.70 -10.24 1.36
C TRP B 85 13.14 -9.61 2.67
N THR B 86 12.05 -10.18 3.19
CA THR B 86 11.39 -9.57 4.35
C THR B 86 11.77 -10.15 5.73
N ALA B 87 12.01 -11.46 5.78
CA ALA B 87 12.02 -12.17 7.07
C ALA B 87 13.40 -12.21 7.72
N ILE B 88 13.94 -11.04 8.03
CA ILE B 88 15.35 -10.95 8.44
C ILE B 88 15.61 -11.63 9.78
N HIS B 89 14.62 -11.65 10.67
CA HIS B 89 14.78 -12.32 11.95
C HIS B 89 14.11 -13.70 11.95
N GLY B 90 13.73 -14.18 10.77
CA GLY B 90 12.93 -15.39 10.68
C GLY B 90 11.47 -15.17 11.03
N HIS B 91 10.64 -16.17 10.79
CA HIS B 91 9.22 -16.09 11.07
C HIS B 91 8.91 -16.42 12.51
N GLY B 92 7.90 -15.74 13.08
CA GLY B 92 7.44 -16.06 14.42
C GLY B 92 8.52 -15.92 15.47
N HIS B 93 9.35 -14.90 15.34
CA HIS B 93 10.32 -14.57 16.37
C HIS B 93 9.54 -14.15 17.62
N PRO B 94 9.85 -14.76 18.76
CA PRO B 94 9.08 -14.46 19.98
C PRO B 94 9.00 -12.97 20.32
N ALA B 95 10.09 -12.23 20.12
CA ALA B 95 10.10 -10.81 20.48
C ALA B 95 9.14 -10.04 19.57
N LEU B 96 9.11 -10.43 18.30
CA LEU B 96 8.28 -9.74 17.32
C LEU B 96 6.81 -10.15 17.48
N ASP B 97 6.56 -11.44 17.67
CA ASP B 97 5.23 -11.92 18.01
C ASP B 97 4.70 -11.16 19.23
N GLN B 98 5.53 -11.06 20.25
CA GLN B 98 5.12 -10.43 21.51
C GLN B 98 4.78 -8.96 21.33
N ALA B 99 5.58 -8.25 20.54
CA ALA B 99 5.32 -6.83 20.31
C ALA B 99 3.96 -6.63 19.67
N LEU B 100 3.62 -7.50 18.71
CA LEU B 100 2.35 -7.39 18.02
CA LEU B 100 2.34 -7.38 18.03
C LEU B 100 1.20 -7.63 19.00
N THR B 101 1.30 -8.71 19.76
CA THR B 101 0.25 -9.06 20.72
C THR B 101 0.10 -8.01 21.82
N THR B 102 1.21 -7.42 22.24
CA THR B 102 1.17 -6.37 23.26
C THR B 102 0.42 -5.15 22.73
N GLN B 103 0.71 -4.73 21.51
CA GLN B 103 0.06 -3.56 20.96
C GLN B 103 -1.42 -3.83 20.67
N LEU B 104 -1.71 -5.07 20.27
CA LEU B 104 -3.07 -5.47 19.97
C LEU B 104 -3.97 -5.28 21.19
N ARG B 105 -3.45 -5.51 22.38
CA ARG B 105 -4.27 -5.39 23.58
CA ARG B 105 -4.26 -5.39 23.58
C ARG B 105 -4.56 -3.95 23.98
N VAL B 106 -3.87 -2.98 23.39
CA VAL B 106 -4.09 -1.60 23.79
CA VAL B 106 -4.07 -1.59 23.77
C VAL B 106 -4.73 -0.76 22.66
N MET B 107 -4.26 -0.92 21.42
CA MET B 107 -4.76 -0.06 20.35
C MET B 107 -4.37 -0.61 18.98
N ASN B 108 -5.34 -1.15 18.24
CA ASN B 108 -5.02 -1.73 16.93
C ASN B 108 -4.65 -0.67 15.90
N HIS B 109 -5.40 0.43 15.91
CA HIS B 109 -5.26 1.46 14.89
C HIS B 109 -6.11 2.68 15.22
N VAL B 110 -5.57 3.87 14.96
CA VAL B 110 -6.40 5.08 14.89
C VAL B 110 -5.97 5.85 13.64
N MET B 111 -6.83 6.74 13.15
CA MET B 111 -6.45 7.59 12.01
C MET B 111 -5.31 8.57 12.35
N PHE B 112 -4.38 8.77 11.42
CA PHE B 112 -3.22 9.63 11.69
C PHE B 112 -3.54 11.10 11.37
N GLY B 113 -4.72 11.35 10.82
CA GLY B 113 -5.17 12.70 10.60
C GLY B 113 -5.69 13.28 11.92
N GLY B 114 -4.87 14.09 12.57
CA GLY B 114 -5.29 14.79 13.77
C GLY B 114 -4.93 14.09 15.07
N LEU B 115 -4.40 12.87 14.96
CA LEU B 115 -3.98 12.07 16.10
C LEU B 115 -2.54 11.58 15.93
N THR B 116 -1.86 11.32 17.03
CA THR B 116 -0.56 10.68 16.94
C THR B 116 -0.50 9.63 18.03
N HIS B 117 0.57 8.84 18.07
CA HIS B 117 0.62 7.76 19.04
C HIS B 117 2.03 7.26 19.27
N GLU B 118 2.21 6.45 20.31
CA GLU B 118 3.54 6.04 20.74
C GLU B 118 4.31 5.15 19.75
N PRO B 119 3.66 4.14 19.13
CA PRO B 119 4.40 3.37 18.12
C PRO B 119 4.95 4.22 16.96
N ALA B 120 4.20 5.20 16.46
CA ALA B 120 4.70 6.08 15.40
C ALA B 120 5.88 6.93 15.87
N ALA B 121 5.76 7.46 17.09
CA ALA B 121 6.79 8.31 17.64
C ALA B 121 8.06 7.51 17.88
N ARG B 122 7.93 6.34 18.49
CA ARG B 122 9.08 5.48 18.76
C ARG B 122 9.79 5.07 17.47
N LEU B 123 9.03 4.67 16.45
CA LEU B 123 9.63 4.22 15.21
C LEU B 123 10.26 5.38 14.46
N ALA B 124 9.58 6.54 14.44
CA ALA B 124 10.14 7.70 13.75
C ALA B 124 11.48 8.08 14.38
N LYS B 125 11.53 8.09 15.72
CA LYS B 125 12.74 8.42 16.45
C LYS B 125 13.88 7.47 16.10
N LEU B 126 13.58 6.18 16.09
CA LEU B 126 14.54 5.18 15.69
C LEU B 126 15.04 5.37 14.27
N LEU B 127 14.12 5.55 13.32
CA LEU B 127 14.54 5.65 11.92
C LEU B 127 15.36 6.92 11.65
N VAL B 128 15.03 8.04 12.32
CA VAL B 128 15.82 9.24 12.06
C VAL B 128 17.21 9.08 12.67
N ASP B 129 17.29 8.31 13.76
CA ASP B 129 18.58 8.08 14.43
C ASP B 129 19.53 7.18 13.63
N ILE B 130 19.01 6.10 13.04
CA ILE B 130 19.86 5.07 12.43
C ILE B 130 20.08 5.24 10.93
N THR B 131 19.29 6.10 10.29
CA THR B 131 19.49 6.31 8.85
C THR B 131 20.62 7.30 8.61
N PRO B 132 21.12 7.38 7.36
CA PRO B 132 22.15 8.36 7.03
C PRO B 132 21.83 9.76 7.54
N ALA B 133 22.87 10.49 7.92
CA ALA B 133 22.73 11.77 8.59
C ALA B 133 21.86 12.75 7.81
N GLY B 134 21.03 13.51 8.52
CA GLY B 134 20.29 14.59 7.91
C GLY B 134 18.85 14.25 7.53
N LEU B 135 18.50 12.96 7.57
CA LEU B 135 17.14 12.53 7.26
C LEU B 135 16.32 12.65 8.53
N ASP B 136 15.66 13.78 8.73
CA ASP B 136 15.03 13.93 10.05
CA ASP B 136 15.03 14.16 10.00
C ASP B 136 13.50 14.01 10.06
N THR B 137 12.86 13.72 8.92
CA THR B 137 11.40 13.65 8.93
C THR B 137 10.97 12.34 8.27
N VAL B 138 9.84 11.78 8.72
CA VAL B 138 9.42 10.43 8.31
C VAL B 138 7.95 10.40 7.88
N PHE B 139 7.72 9.98 6.64
CA PHE B 139 6.37 9.82 6.11
C PHE B 139 6.06 8.32 6.01
N PHE B 140 5.14 7.84 6.84
CA PHE B 140 4.79 6.43 6.80
C PHE B 140 3.76 6.12 5.73
N SER B 141 3.97 5.02 5.02
CA SER B 141 2.98 4.55 4.07
C SER B 141 2.89 3.03 4.17
N ASP B 142 2.14 2.40 3.28
CA ASP B 142 1.84 1.01 3.51
C ASP B 142 2.56 0.05 2.56
N SER B 143 3.33 0.56 1.60
CA SER B 143 4.16 -0.30 0.77
C SER B 143 5.32 0.44 0.10
N GLY B 144 6.28 -0.32 -0.40
CA GLY B 144 7.46 0.23 -1.03
C GLY B 144 7.13 1.10 -2.24
N SER B 145 6.26 0.61 -3.10
N SER B 145 6.27 0.60 -3.12
CA SER B 145 5.87 1.35 -4.30
CA SER B 145 5.85 1.35 -4.31
C SER B 145 5.22 2.68 -3.93
C SER B 145 5.23 2.69 -3.92
N VAL B 146 4.38 2.69 -2.90
CA VAL B 146 3.80 3.95 -2.45
C VAL B 146 4.89 4.87 -1.90
N SER B 147 5.88 4.32 -1.18
CA SER B 147 6.87 5.17 -0.53
C SER B 147 7.71 5.86 -1.60
N VAL B 148 7.87 5.18 -2.72
CA VAL B 148 8.60 5.74 -3.86
C VAL B 148 7.79 6.85 -4.54
N GLU B 149 6.49 6.67 -4.65
CA GLU B 149 5.65 7.73 -5.20
C GLU B 149 5.62 8.93 -4.27
N VAL B 150 5.60 8.67 -2.96
CA VAL B 150 5.72 9.76 -1.99
C VAL B 150 7.09 10.49 -2.12
N ALA B 151 8.19 9.74 -2.31
CA ALA B 151 9.50 10.33 -2.55
C ALA B 151 9.47 11.24 -3.78
N ALA B 152 8.85 10.76 -4.85
CA ALA B 152 8.77 11.57 -6.07
C ALA B 152 7.91 12.81 -5.83
N LYS B 153 6.85 12.63 -5.07
CA LYS B 153 5.97 13.76 -4.79
C LYS B 153 6.70 14.82 -3.95
N MET B 154 7.52 14.37 -3.00
CA MET B 154 8.33 15.26 -2.20
C MET B 154 9.26 16.06 -3.10
N ALA B 155 9.90 15.35 -4.03
CA ALA B 155 10.86 15.99 -4.93
C ALA B 155 10.18 17.05 -5.81
N LEU B 156 9.04 16.69 -6.39
CA LEU B 156 8.36 17.62 -7.28
C LEU B 156 7.79 18.82 -6.50
N GLN B 157 7.19 18.59 -5.33
CA GLN B 157 6.68 19.71 -4.54
C GLN B 157 7.83 20.60 -4.03
N TYR B 158 8.97 19.99 -3.76
CA TYR B 158 10.15 20.74 -3.35
C TYR B 158 10.52 21.80 -4.40
N TRP B 159 10.70 21.38 -5.66
CA TRP B 159 11.13 22.35 -6.66
C TRP B 159 10.02 23.35 -6.99
N ARG B 160 8.77 22.93 -6.87
CA ARG B 160 7.67 23.88 -7.02
C ARG B 160 7.75 24.91 -5.91
N GLY B 161 8.15 24.49 -4.71
CA GLY B 161 8.34 25.41 -3.61
C GLY B 161 9.56 26.30 -3.77
N ARG B 162 10.41 25.98 -4.74
CA ARG B 162 11.58 26.80 -5.07
C ARG B 162 11.31 27.68 -6.30
N GLY B 163 10.10 27.60 -6.82
CA GLY B 163 9.73 28.34 -8.02
C GLY B 163 10.29 27.73 -9.29
N LEU B 164 10.53 26.42 -9.29
CA LEU B 164 11.06 25.74 -10.46
C LEU B 164 10.23 24.53 -10.89
N PRO B 165 8.99 24.76 -11.36
CA PRO B 165 8.06 23.68 -11.73
C PRO B 165 8.51 22.89 -12.96
N GLY B 166 9.51 23.39 -13.67
CA GLY B 166 10.06 22.68 -14.80
C GLY B 166 10.87 21.46 -14.36
N LYS B 167 11.38 21.50 -13.14
CA LYS B 167 12.12 20.36 -12.61
C LYS B 167 11.14 19.30 -12.11
N ARG B 168 10.75 18.43 -13.03
CA ARG B 168 9.69 17.46 -12.74
C ARG B 168 9.99 16.08 -13.30
N ARG B 169 11.12 15.92 -13.98
CA ARG B 169 11.48 14.59 -14.48
C ARG B 169 12.39 13.87 -13.50
N LEU B 170 12.49 12.55 -13.64
CA LEU B 170 13.41 11.77 -12.83
C LEU B 170 14.51 11.17 -13.71
N MET B 171 15.69 11.00 -13.13
CA MET B 171 16.79 10.31 -13.81
C MET B 171 17.22 9.08 -13.01
N THR B 172 17.63 8.03 -13.70
CA THR B 172 18.16 6.86 -13.01
C THR B 172 19.12 6.14 -13.93
N TRP B 173 19.75 5.09 -13.42
CA TRP B 173 20.52 4.20 -14.27
C TRP B 173 19.72 2.94 -14.57
N ARG B 174 20.05 2.29 -15.68
CA ARG B 174 19.34 1.07 -16.05
C ARG B 174 19.62 -0.06 -15.07
N GLY B 175 18.79 -1.11 -15.14
CA GLY B 175 18.93 -2.25 -14.25
C GLY B 175 18.12 -2.14 -12.96
N GLY B 176 17.38 -1.05 -12.82
CA GLY B 176 16.72 -0.77 -11.54
C GLY B 176 15.31 -1.34 -11.39
N TYR B 177 14.82 -1.33 -10.16
CA TYR B 177 13.44 -1.69 -9.84
C TYR B 177 13.03 -0.85 -8.65
N HIS B 178 11.87 -0.22 -8.78
CA HIS B 178 11.39 0.70 -7.75
C HIS B 178 9.92 0.48 -7.43
N GLY B 179 9.36 -0.63 -7.89
CA GLY B 179 7.97 -0.94 -7.60
C GLY B 179 7.05 -0.95 -8.80
N ASP B 180 5.76 -1.10 -8.53
CA ASP B 180 4.80 -1.53 -9.56
C ASP B 180 3.71 -0.51 -9.88
N THR B 181 3.56 0.53 -9.05
CA THR B 181 2.65 1.60 -9.39
C THR B 181 3.21 2.39 -10.59
N PHE B 182 2.34 3.14 -11.27
CA PHE B 182 2.74 3.65 -12.59
C PHE B 182 3.90 4.67 -12.58
N LEU B 183 4.06 5.52 -11.55
CA LEU B 183 5.23 6.38 -11.52
CA LEU B 183 5.23 6.38 -11.52
C LEU B 183 6.46 5.55 -11.17
N ALA B 184 6.33 4.64 -10.21
CA ALA B 184 7.42 3.73 -9.89
C ALA B 184 7.90 2.95 -11.14
N MET B 185 6.94 2.52 -11.96
CA MET B 185 7.25 1.79 -13.19
C MET B 185 8.10 2.61 -14.12
N SER B 186 7.92 3.92 -14.11
CA SER B 186 8.63 4.77 -15.09
C SER B 186 10.15 4.84 -14.86
N ILE B 187 10.64 4.48 -13.67
CA ILE B 187 12.08 4.45 -13.44
C ILE B 187 12.62 3.03 -13.28
N CYS B 188 11.76 2.04 -13.53
CA CYS B 188 12.22 0.66 -13.58
CA CYS B 188 12.17 0.64 -13.62
C CYS B 188 12.99 0.44 -14.89
N ASP B 189 13.94 -0.48 -14.88
CA ASP B 189 14.63 -0.86 -16.13
C ASP B 189 13.63 -1.08 -17.26
N PRO B 190 13.85 -0.45 -18.42
CA PRO B 190 12.90 -0.58 -19.53
C PRO B 190 12.67 -2.03 -19.98
N HIS B 191 13.70 -2.88 -19.90
CA HIS B 191 13.54 -4.28 -20.26
C HIS B 191 12.92 -5.09 -19.15
N GLY B 192 13.52 -5.02 -17.96
CA GLY B 192 12.99 -5.72 -16.80
C GLY B 192 11.54 -5.32 -16.55
N GLY B 193 11.26 -4.05 -16.81
CA GLY B 193 9.96 -3.47 -16.52
C GLY B 193 8.98 -3.60 -17.67
N MET B 194 9.42 -4.21 -18.76
CA MET B 194 8.58 -4.48 -19.92
C MET B 194 7.91 -3.21 -20.45
N HIS B 195 8.68 -2.16 -20.66
CA HIS B 195 8.09 -0.90 -21.07
C HIS B 195 7.52 -0.96 -22.47
N SER B 196 7.98 -1.93 -23.25
CA SER B 196 7.45 -2.17 -24.60
C SER B 196 5.96 -2.49 -24.58
N LEU B 197 5.48 -2.97 -23.44
CA LEU B 197 4.06 -3.29 -23.26
C LEU B 197 3.30 -2.03 -22.85
N TRP B 198 4.04 -0.99 -22.51
CA TRP B 198 3.46 0.19 -21.90
C TRP B 198 3.70 1.45 -22.72
N THR B 199 3.97 1.27 -24.00
CA THR B 199 4.18 2.39 -24.91
CA THR B 199 4.19 2.38 -24.92
C THR B 199 3.04 3.39 -24.83
N ASP B 200 3.40 4.67 -24.67
CA ASP B 200 2.48 5.83 -24.61
C ASP B 200 1.72 5.97 -23.29
N VAL B 201 2.11 5.20 -22.27
CA VAL B 201 1.39 5.22 -20.99
C VAL B 201 2.21 5.77 -19.82
N LEU B 202 3.51 5.45 -19.81
CA LEU B 202 4.38 5.83 -18.71
C LEU B 202 4.99 7.21 -18.89
N ALA B 203 5.32 7.86 -17.79
CA ALA B 203 6.15 9.06 -17.86
C ALA B 203 7.49 8.72 -18.49
N ALA B 204 7.99 9.64 -19.31
CA ALA B 204 9.25 9.45 -20.01
C ALA B 204 10.40 9.99 -19.17
N GLN B 205 11.18 9.09 -18.59
CA GLN B 205 12.25 9.50 -17.69
C GLN B 205 13.61 9.44 -18.37
N VAL B 206 14.65 9.89 -17.67
CA VAL B 206 16.00 9.92 -18.20
C VAL B 206 16.78 8.72 -17.70
N PHE B 207 17.22 7.86 -18.61
CA PHE B 207 18.01 6.70 -18.24
C PHE B 207 19.48 6.82 -18.64
N ALA B 208 20.38 6.67 -17.67
CA ALA B 208 21.79 6.42 -17.93
C ALA B 208 22.04 4.93 -18.18
N PRO B 209 23.18 4.58 -18.81
CA PRO B 209 23.50 3.17 -18.98
C PRO B 209 23.63 2.40 -17.66
N GLN B 210 23.49 1.08 -17.76
CA GLN B 210 23.74 0.17 -16.64
C GLN B 210 25.00 0.52 -15.86
N VAL B 211 24.88 0.71 -14.56
CA VAL B 211 26.04 1.00 -13.75
C VAL B 211 26.88 -0.27 -13.65
N PRO B 212 28.19 -0.15 -13.90
CA PRO B 212 29.06 -1.34 -13.89
C PRO B 212 29.35 -1.83 -12.48
N ARG B 213 29.86 -3.04 -12.37
CA ARG B 213 30.23 -3.57 -11.06
C ARG B 213 31.48 -2.86 -10.52
N ASP B 214 32.55 -2.84 -11.32
CA ASP B 214 33.81 -2.24 -10.90
C ASP B 214 33.78 -0.73 -11.11
N TYR B 215 34.45 0.00 -10.22
CA TYR B 215 34.42 1.45 -10.30
C TYR B 215 35.23 1.96 -11.49
N ASP B 216 34.57 2.77 -12.30
CA ASP B 216 35.15 3.42 -13.47
C ASP B 216 34.69 4.86 -13.49
N PRO B 217 35.61 5.80 -13.20
CA PRO B 217 35.30 7.23 -13.13
C PRO B 217 34.70 7.78 -14.42
N ALA B 218 34.91 7.10 -15.54
CA ALA B 218 34.35 7.54 -16.81
C ALA B 218 32.85 7.32 -16.85
N TYR B 219 32.37 6.30 -16.15
CA TYR B 219 30.94 6.07 -16.07
C TYR B 219 30.29 7.27 -15.39
N SER B 220 30.85 7.67 -14.25
CA SER B 220 30.30 8.81 -13.50
C SER B 220 30.41 10.11 -14.27
N ALA B 221 31.51 10.27 -15.00
CA ALA B 221 31.70 11.47 -15.81
C ALA B 221 30.62 11.53 -16.89
N ALA B 222 30.32 10.37 -17.47
CA ALA B 222 29.30 10.31 -18.50
C ALA B 222 27.91 10.60 -17.92
N PHE B 223 27.63 9.99 -16.76
CA PHE B 223 26.36 10.21 -16.06
C PHE B 223 26.18 11.70 -15.78
N GLU B 224 27.26 12.34 -15.34
CA GLU B 224 27.24 13.78 -15.04
C GLU B 224 26.91 14.62 -16.27
N ALA B 225 27.56 14.30 -17.40
CA ALA B 225 27.33 15.07 -18.61
C ALA B 225 25.88 14.92 -19.10
N GLN B 226 25.34 13.72 -18.97
CA GLN B 226 23.95 13.47 -19.35
C GLN B 226 23.02 14.24 -18.42
N LEU B 227 23.29 14.16 -17.12
CA LEU B 227 22.45 14.87 -16.16
C LEU B 227 22.51 16.37 -16.42
N ALA B 228 23.71 16.88 -16.67
CA ALA B 228 23.90 18.31 -16.87
C ALA B 228 22.99 18.84 -17.98
N GLN B 229 22.79 18.08 -19.04
CA GLN B 229 22.02 18.63 -20.15
C GLN B 229 20.53 18.58 -19.85
N HIS B 230 20.15 17.82 -18.83
CA HIS B 230 18.74 17.71 -18.41
C HIS B 230 18.45 18.40 -17.08
N ALA B 231 19.46 19.03 -16.46
CA ALA B 231 19.33 19.47 -15.07
C ALA B 231 18.13 20.37 -14.84
N GLY B 232 17.83 21.26 -15.79
CA GLY B 232 16.73 22.19 -15.65
C GLY B 232 15.36 21.52 -15.73
N GLU B 233 15.37 20.26 -16.15
CA GLU B 233 14.16 19.44 -16.27
C GLU B 233 14.03 18.45 -15.12
N LEU B 234 15.09 18.27 -14.34
CA LEU B 234 15.13 17.13 -13.42
C LEU B 234 14.83 17.51 -11.98
N ALA B 235 13.89 16.80 -11.37
CA ALA B 235 13.65 16.94 -9.94
C ALA B 235 14.65 16.14 -9.14
N ALA B 236 14.95 14.94 -9.62
CA ALA B 236 15.74 14.03 -8.80
C ALA B 236 16.37 12.89 -9.59
N VAL B 237 17.48 12.38 -9.05
CA VAL B 237 18.07 11.09 -9.40
C VAL B 237 17.55 10.06 -8.41
N VAL B 238 17.08 8.91 -8.89
CA VAL B 238 16.57 7.88 -7.98
C VAL B 238 17.26 6.59 -8.31
N VAL B 239 17.95 6.01 -7.34
CA VAL B 239 18.66 4.75 -7.56
C VAL B 239 18.55 3.82 -6.35
N GLU B 240 18.74 2.53 -6.60
CA GLU B 240 19.05 1.57 -5.53
C GLU B 240 20.55 1.62 -5.23
N PRO B 241 20.94 1.82 -3.96
CA PRO B 241 22.37 1.91 -3.66
C PRO B 241 23.08 0.55 -3.45
N VAL B 242 24.19 0.38 -4.15
CA VAL B 242 25.10 -0.78 -4.05
C VAL B 242 24.52 -2.05 -4.66
N VAL B 243 23.27 -2.38 -4.34
CA VAL B 243 22.64 -3.58 -4.88
C VAL B 243 21.34 -3.28 -5.62
N GLN B 244 21.25 -3.73 -6.87
CA GLN B 244 20.00 -3.67 -7.63
C GLN B 244 19.32 -5.02 -7.49
N GLY B 245 18.15 -5.07 -6.86
CA GLY B 245 17.51 -6.33 -6.53
C GLY B 245 16.75 -6.97 -7.67
N ALA B 246 15.47 -6.63 -7.78
CA ALA B 246 14.55 -7.33 -8.68
C ALA B 246 14.91 -7.15 -10.15
N GLY B 247 15.75 -6.14 -10.43
CA GLY B 247 16.18 -5.89 -11.79
C GLY B 247 17.37 -6.74 -12.24
N GLY B 248 17.88 -7.59 -11.37
CA GLY B 248 18.95 -8.49 -11.79
C GLY B 248 20.01 -8.87 -10.78
N MET B 249 19.78 -8.53 -9.51
CA MET B 249 20.71 -8.86 -8.42
C MET B 249 22.15 -8.46 -8.75
N ARG B 250 22.31 -7.24 -9.26
CA ARG B 250 23.62 -6.72 -9.65
C ARG B 250 24.21 -5.87 -8.55
N PHE B 251 25.52 -5.93 -8.38
CA PHE B 251 26.19 -5.12 -7.38
C PHE B 251 27.05 -4.06 -8.07
N HIS B 252 27.17 -2.88 -7.47
CA HIS B 252 28.08 -1.87 -8.00
C HIS B 252 28.89 -1.24 -6.88
N ASP B 253 30.07 -0.75 -7.23
CA ASP B 253 30.97 -0.14 -6.27
C ASP B 253 30.31 1.05 -5.58
N PRO B 254 30.31 1.05 -4.23
CA PRO B 254 29.74 2.17 -3.46
C PRO B 254 30.25 3.54 -3.90
N ARG B 255 31.45 3.64 -4.46
CA ARG B 255 32.00 4.94 -4.82
C ARG B 255 31.13 5.67 -5.87
N TYR B 256 30.37 4.91 -6.66
CA TYR B 256 29.44 5.53 -7.58
C TYR B 256 28.42 6.41 -6.86
N LEU B 257 28.02 5.99 -5.65
CA LEU B 257 27.05 6.76 -4.87
C LEU B 257 27.66 8.07 -4.39
N HIS B 258 28.94 8.01 -4.05
CA HIS B 258 29.69 9.20 -3.71
C HIS B 258 29.65 10.19 -4.88
N ASP B 259 29.85 9.68 -6.09
CA ASP B 259 29.83 10.53 -7.26
C ASP B 259 28.46 11.14 -7.50
N LEU B 260 27.41 10.34 -7.32
CA LEU B 260 26.06 10.86 -7.49
C LEU B 260 25.75 11.98 -6.53
N ARG B 261 26.10 11.80 -5.26
CA ARG B 261 25.87 12.84 -4.27
C ARG B 261 26.55 14.14 -4.71
N ASP B 262 27.75 14.00 -5.26
CA ASP B 262 28.52 15.15 -5.72
C ASP B 262 27.86 15.81 -6.94
N ILE B 263 27.47 14.99 -7.91
CA ILE B 263 26.84 15.47 -9.14
C ILE B 263 25.54 16.18 -8.83
N CYS B 264 24.74 15.57 -7.97
CA CYS B 264 23.45 16.13 -7.57
C CYS B 264 23.62 17.46 -6.83
N ARG B 265 24.60 17.50 -5.94
CA ARG B 265 24.90 18.72 -5.22
C ARG B 265 25.28 19.84 -6.18
N ARG B 266 26.17 19.56 -7.11
CA ARG B 266 26.70 20.62 -7.96
C ARG B 266 25.70 21.10 -9.02
N TYR B 267 24.81 20.22 -9.46
CA TYR B 267 23.85 20.58 -10.50
C TYR B 267 22.44 20.83 -9.95
N GLU B 268 22.31 20.87 -8.63
CA GLU B 268 21.04 21.13 -7.95
C GLU B 268 19.90 20.22 -8.40
N VAL B 269 20.10 18.92 -8.17
CA VAL B 269 19.11 17.89 -8.43
C VAL B 269 19.06 17.08 -7.14
N LEU B 270 17.86 16.76 -6.66
CA LEU B 270 17.79 15.98 -5.42
C LEU B 270 18.29 14.57 -5.66
N LEU B 271 18.86 13.96 -4.61
CA LEU B 271 19.24 12.55 -4.66
C LEU B 271 18.31 11.69 -3.80
N ILE B 272 17.70 10.68 -4.43
CA ILE B 272 16.81 9.75 -3.73
C ILE B 272 17.39 8.33 -3.75
N PHE B 273 17.62 7.76 -2.57
CA PHE B 273 18.05 6.36 -2.49
C PHE B 273 16.87 5.48 -2.11
N ASP B 274 16.60 4.49 -2.94
CA ASP B 274 15.59 3.50 -2.67
C ASP B 274 16.23 2.32 -1.95
N GLU B 275 16.10 2.29 -0.62
CA GLU B 275 16.66 1.20 0.17
C GLU B 275 15.59 0.19 0.63
N ILE B 276 14.53 0.02 -0.15
CA ILE B 276 13.46 -0.90 0.24
C ILE B 276 13.95 -2.36 0.30
N ALA B 277 14.92 -2.72 -0.55
CA ALA B 277 15.54 -4.05 -0.48
C ALA B 277 16.83 -4.09 0.33
N THR B 278 17.61 -3.00 0.32
CA THR B 278 18.95 -3.00 0.91
C THR B 278 19.01 -2.67 2.39
N GLY B 279 17.97 -2.05 2.91
CA GLY B 279 17.96 -1.58 4.29
C GLY B 279 18.07 -2.65 5.37
N PHE B 280 18.35 -2.17 6.58
CA PHE B 280 18.38 -3.00 7.79
C PHE B 280 19.35 -4.17 7.71
N GLY B 281 20.56 -3.86 7.24
CA GLY B 281 21.71 -4.75 7.40
C GLY B 281 21.99 -5.69 6.25
N ARG B 282 21.10 -5.73 5.27
CA ARG B 282 21.13 -6.82 4.31
C ARG B 282 22.43 -6.88 3.49
N THR B 283 23.02 -5.73 3.20
CA THR B 283 24.25 -5.70 2.38
C THR B 283 25.53 -5.62 3.21
N GLY B 284 25.41 -5.78 4.52
CA GLY B 284 26.57 -5.76 5.39
C GLY B 284 26.78 -4.44 6.10
N ALA B 285 26.02 -3.43 5.70
CA ALA B 285 25.97 -2.16 6.41
C ALA B 285 24.52 -1.94 6.84
N LEU B 286 24.31 -1.04 7.80
CA LEU B 286 22.96 -0.86 8.31
C LEU B 286 22.06 -0.43 7.16
N PHE B 287 22.55 0.53 6.39
CA PHE B 287 21.95 0.89 5.11
C PHE B 287 23.05 0.95 4.09
N ALA B 288 22.71 0.61 2.85
CA ALA B 288 23.74 0.45 1.85
C ALA B 288 24.45 1.77 1.57
N ALA B 289 23.75 2.88 1.80
CA ALA B 289 24.35 4.21 1.66
C ALA B 289 25.59 4.34 2.54
N ASP B 290 25.59 3.63 3.66
CA ASP B 290 26.68 3.74 4.63
C ASP B 290 27.99 3.19 4.08
N HIS B 291 27.91 2.31 3.08
CA HIS B 291 29.10 1.79 2.42
C HIS B 291 29.88 2.92 1.76
N ALA B 292 29.15 3.91 1.27
CA ALA B 292 29.72 5.04 0.54
C ALA B 292 29.91 6.25 1.44
N GLY B 293 29.27 6.22 2.60
CA GLY B 293 29.36 7.32 3.55
C GLY B 293 28.67 8.58 3.08
N VAL B 294 27.61 8.44 2.28
CA VAL B 294 26.88 9.63 1.84
C VAL B 294 25.42 9.56 2.26
N SER B 295 24.79 10.73 2.27
CA SER B 295 23.38 10.84 2.62
C SER B 295 22.58 11.35 1.42
N PRO B 296 21.47 10.67 1.11
CA PRO B 296 20.56 11.20 0.08
C PRO B 296 19.71 12.34 0.64
N ASP B 297 19.01 13.05 -0.23
CA ASP B 297 18.05 14.05 0.23
C ASP B 297 16.75 13.39 0.68
N ILE B 298 16.40 12.28 0.04
CA ILE B 298 15.19 11.51 0.34
C ILE B 298 15.53 10.03 0.32
N MET B 299 14.93 9.25 1.22
CA MET B 299 15.22 7.82 1.32
C MET B 299 13.95 6.99 1.49
N CYS B 300 13.86 5.86 0.81
CA CYS B 300 12.73 4.93 1.00
C CYS B 300 13.17 3.64 1.67
N VAL B 301 12.37 3.16 2.62
CA VAL B 301 12.58 1.85 3.23
C VAL B 301 11.27 1.06 3.25
N GLY B 302 11.40 -0.26 3.30
N GLY B 302 11.33 -0.28 3.33
CA GLY B 302 10.26 -1.13 3.34
CA GLY B 302 10.09 -1.07 3.26
C GLY B 302 10.75 -2.53 3.58
C GLY B 302 10.04 -2.54 3.69
N LYS B 303 10.28 -3.44 2.73
CA LYS B 303 10.38 -4.90 2.93
C LYS B 303 10.68 -5.45 4.32
N ALA B 304 11.88 -5.21 4.82
CA ALA B 304 12.29 -5.80 6.10
C ALA B 304 11.98 -4.91 7.32
N LEU B 305 11.36 -3.78 7.07
CA LEU B 305 11.05 -2.81 8.13
C LEU B 305 10.31 -3.44 9.29
N THR B 306 9.32 -4.28 8.98
CA THR B 306 8.54 -4.96 10.03
C THR B 306 9.05 -6.37 10.34
N GLY B 307 10.25 -6.70 9.87
CA GLY B 307 10.74 -8.06 10.02
C GLY B 307 9.88 -9.06 9.27
N GLY B 308 9.16 -8.57 8.27
CA GLY B 308 8.43 -9.47 7.38
C GLY B 308 7.07 -9.87 7.90
N TYR B 309 6.57 -9.13 8.88
CA TYR B 309 5.29 -9.45 9.52
C TYR B 309 4.12 -8.83 8.79
N LEU B 310 4.28 -7.55 8.45
CA LEU B 310 3.18 -6.74 7.93
C LEU B 310 3.68 -5.73 6.94
N SER B 311 2.80 -5.30 6.03
CA SER B 311 3.21 -4.25 5.10
CA SER B 311 3.16 -4.24 5.09
CA SER B 311 3.12 -4.22 5.09
C SER B 311 3.36 -2.90 5.81
N LEU B 312 4.50 -2.28 5.57
CA LEU B 312 4.79 -0.95 6.09
C LEU B 312 6.00 -0.43 5.30
N ALA B 313 6.02 0.86 5.05
CA ALA B 313 7.13 1.51 4.35
C ALA B 313 7.28 2.89 4.92
N ALA B 314 8.41 3.52 4.65
CA ALA B 314 8.61 4.90 5.10
C ALA B 314 9.45 5.67 4.10
N THR B 315 9.15 6.95 4.00
CA THR B 315 9.92 7.85 3.16
C THR B 315 10.47 8.94 4.06
N LEU B 316 11.79 9.05 4.11
CA LEU B 316 12.42 10.07 4.93
C LEU B 316 12.95 11.19 4.06
N CYS B 317 13.00 12.40 4.60
CA CYS B 317 13.63 13.49 3.89
C CYS B 317 14.28 14.48 4.85
N THR B 318 15.18 15.27 4.30
CA THR B 318 15.88 16.29 5.09
C THR B 318 14.92 17.38 5.57
N ALA B 319 15.37 18.11 6.60
CA ALA B 319 14.66 19.29 7.08
C ALA B 319 14.45 20.31 5.96
N ASP B 320 15.46 20.51 5.12
CA ASP B 320 15.34 21.43 4.00
C ASP B 320 14.23 21.03 3.04
N VAL B 321 14.16 19.75 2.71
CA VAL B 321 13.12 19.29 1.80
C VAL B 321 11.77 19.52 2.48
N ALA B 322 11.66 19.12 3.75
CA ALA B 322 10.43 19.26 4.50
C ALA B 322 9.99 20.72 4.61
N HIS B 323 10.92 21.59 4.96
CA HIS B 323 10.56 22.99 5.16
C HIS B 323 10.21 23.68 3.85
N THR B 324 10.88 23.32 2.76
CA THR B 324 10.59 23.93 1.48
C THR B 324 9.21 23.54 0.96
N ILE B 325 8.84 22.27 1.12
CA ILE B 325 7.51 21.81 0.77
C ILE B 325 6.49 22.59 1.61
N SER B 326 6.76 22.68 2.91
CA SER B 326 5.79 23.25 3.84
C SER B 326 5.60 24.76 3.63
N ALA B 327 6.64 25.41 3.11
CA ALA B 327 6.60 26.87 2.92
C ALA B 327 6.09 27.25 1.54
N GLY B 328 5.99 26.26 0.65
CA GLY B 328 5.49 26.50 -0.69
C GLY B 328 4.04 26.90 -0.67
N ALA B 329 3.55 27.41 -1.81
CA ALA B 329 2.18 27.88 -1.94
C ALA B 329 1.15 26.77 -1.61
N ALA B 330 1.54 25.52 -1.79
CA ALA B 330 0.66 24.40 -1.44
C ALA B 330 0.57 24.22 0.08
N GLY B 331 1.68 24.43 0.77
CA GLY B 331 1.72 24.43 2.23
C GLY B 331 1.73 23.07 2.93
N ALA B 332 1.64 21.99 2.16
CA ALA B 332 1.59 20.66 2.74
C ALA B 332 2.03 19.64 1.71
N LEU B 333 2.53 18.50 2.17
CA LEU B 333 2.74 17.35 1.28
C LEU B 333 1.39 16.69 1.01
N MET B 334 0.97 16.67 -0.25
CA MET B 334 -0.40 16.28 -0.57
CA MET B 334 -0.40 16.27 -0.59
C MET B 334 -0.57 14.76 -0.71
N HIS B 335 -0.42 14.05 0.41
CA HIS B 335 -0.47 12.60 0.41
C HIS B 335 -0.89 12.14 1.80
N GLY B 336 -1.69 11.09 1.89
CA GLY B 336 -2.14 10.61 3.19
C GLY B 336 -2.81 9.25 3.13
N PRO B 337 -2.03 8.19 3.28
CA PRO B 337 -2.66 6.86 3.20
C PRO B 337 -3.60 6.59 4.37
N THR B 338 -4.67 5.86 4.10
CA THR B 338 -5.66 5.51 5.12
C THR B 338 -5.00 4.94 6.36
N PHE B 339 -4.14 3.95 6.16
CA PHE B 339 -3.50 3.29 7.30
C PHE B 339 -2.15 3.86 7.66
N MET B 340 -1.91 5.13 7.30
CA MET B 340 -0.69 5.82 7.69
C MET B 340 -0.32 5.58 9.15
N ALA B 341 0.89 5.07 9.34
CA ALA B 341 1.50 4.90 10.66
C ALA B 341 0.68 3.96 11.56
N ASN B 342 0.07 2.95 10.95
CA ASN B 342 -0.66 1.91 11.69
C ASN B 342 0.08 1.43 12.93
N PRO B 343 -0.55 1.59 14.10
CA PRO B 343 0.07 1.16 15.37
C PRO B 343 0.59 -0.27 15.38
N LEU B 344 -0.13 -1.23 14.82
CA LEU B 344 0.33 -2.62 14.89
C LEU B 344 1.60 -2.81 14.08
N ALA B 345 1.58 -2.33 12.83
CA ALA B 345 2.77 -2.47 12.00
C ALA B 345 3.95 -1.66 12.57
N CYS B 346 3.67 -0.47 13.09
CA CYS B 346 4.72 0.33 13.71
C CYS B 346 5.32 -0.37 14.94
N ALA B 347 4.46 -1.01 15.73
CA ALA B 347 4.91 -1.68 16.95
C ALA B 347 5.84 -2.85 16.65
N VAL B 348 5.50 -3.67 15.67
CA VAL B 348 6.35 -4.80 15.37
CA VAL B 348 6.35 -4.80 15.33
C VAL B 348 7.65 -4.31 14.70
N SER B 349 7.58 -3.19 13.96
CA SER B 349 8.78 -2.64 13.34
CA SER B 349 8.77 -2.65 13.34
C SER B 349 9.75 -2.18 14.42
N VAL B 350 9.23 -1.49 15.43
CA VAL B 350 10.05 -1.00 16.52
C VAL B 350 10.79 -2.17 17.14
N ALA B 351 10.06 -3.26 17.42
CA ALA B 351 10.66 -4.46 17.95
C ALA B 351 11.70 -5.05 17.01
N SER B 352 11.39 -5.12 15.72
CA SER B 352 12.34 -5.65 14.74
C SER B 352 13.62 -4.82 14.62
N VAL B 353 13.49 -3.49 14.64
CA VAL B 353 14.65 -2.63 14.54
C VAL B 353 15.51 -2.74 15.80
N GLU B 354 14.86 -2.72 16.96
CA GLU B 354 15.60 -2.83 18.22
C GLU B 354 16.31 -4.17 18.35
N LEU B 355 15.68 -5.22 17.83
CA LEU B 355 16.24 -6.57 17.89
C LEU B 355 17.51 -6.64 17.05
N LEU B 356 17.47 -5.97 15.90
CA LEU B 356 18.63 -5.90 15.02
C LEU B 356 19.75 -5.08 15.68
N LEU B 357 19.39 -3.93 16.23
CA LEU B 357 20.36 -3.02 16.84
C LEU B 357 20.93 -3.57 18.14
N GLY B 358 20.18 -4.42 18.81
CA GLY B 358 20.56 -4.92 20.13
C GLY B 358 21.53 -6.09 20.10
N GLN B 359 21.92 -6.50 18.89
CA GLN B 359 22.86 -7.61 18.72
C GLN B 359 24.03 -7.16 17.86
N ASP B 360 25.05 -8.00 17.75
CA ASP B 360 26.17 -7.67 16.86
C ASP B 360 25.79 -8.03 15.44
N TRP B 361 24.92 -7.23 14.83
CA TRP B 361 24.42 -7.57 13.50
C TRP B 361 25.53 -7.55 12.45
N ARG B 362 26.52 -6.68 12.63
CA ARG B 362 27.59 -6.57 11.64
C ARG B 362 28.37 -7.87 11.54
N THR B 363 28.70 -8.46 12.68
CA THR B 363 29.37 -9.75 12.69
C THR B 363 28.47 -10.87 12.14
N ARG B 364 27.18 -10.82 12.46
CA ARG B 364 26.25 -11.82 11.95
C ARG B 364 26.28 -11.84 10.42
N ILE B 365 26.17 -10.67 9.81
CA ILE B 365 26.10 -10.58 8.36
C ILE B 365 27.42 -10.99 7.72
N THR B 366 28.53 -10.65 8.38
CA THR B 366 29.85 -11.03 7.88
C THR B 366 29.97 -12.56 7.84
N GLU B 367 29.54 -13.21 8.90
CA GLU B 367 29.56 -14.68 8.95
C GLU B 367 28.69 -15.27 7.84
N LEU B 368 27.51 -14.70 7.64
CA LEU B 368 26.59 -15.17 6.61
C LEU B 368 27.22 -15.04 5.22
N ALA B 369 27.84 -13.89 4.97
CA ALA B 369 28.51 -13.63 3.70
C ALA B 369 29.64 -14.63 3.48
N ALA B 370 30.40 -14.92 4.53
CA ALA B 370 31.46 -15.93 4.47
C ALA B 370 30.87 -17.29 4.14
N GLY B 371 29.79 -17.64 4.83
CA GLY B 371 29.11 -18.92 4.60
C GLY B 371 28.63 -19.03 3.17
N LEU B 372 28.07 -17.95 2.64
CA LEU B 372 27.56 -17.97 1.29
C LEU B 372 28.69 -18.14 0.28
N THR B 373 29.76 -17.38 0.46
CA THR B 373 30.93 -17.48 -0.42
C THR B 373 31.52 -18.90 -0.40
N ALA B 374 31.76 -19.42 0.79
CA ALA B 374 32.32 -20.75 0.95
C ALA B 374 31.45 -21.78 0.25
N GLY B 375 30.14 -21.74 0.52
CA GLY B 375 29.23 -22.71 -0.03
C GLY B 375 28.92 -22.60 -1.51
N LEU B 376 29.06 -21.40 -2.07
CA LEU B 376 28.76 -21.23 -3.49
C LEU B 376 30.01 -21.32 -4.36
N ASP B 377 31.17 -21.50 -3.75
CA ASP B 377 32.43 -21.40 -4.48
C ASP B 377 32.57 -22.40 -5.63
N THR B 378 32.15 -23.64 -5.40
CA THR B 378 32.31 -24.68 -6.42
C THR B 378 31.40 -24.47 -7.63
N ALA B 379 30.48 -23.52 -7.54
CA ALA B 379 29.56 -23.29 -8.65
C ALA B 379 30.24 -22.56 -9.82
N ARG B 380 31.37 -21.91 -9.56
CA ARG B 380 32.10 -21.18 -10.59
C ARG B 380 32.55 -22.08 -11.75
N ALA B 381 32.86 -23.33 -11.44
CA ALA B 381 33.40 -24.27 -12.43
C ALA B 381 32.33 -24.91 -13.30
N LEU B 382 31.06 -24.72 -12.92
CA LEU B 382 29.96 -25.33 -13.62
C LEU B 382 29.77 -24.74 -15.03
N PRO B 383 29.42 -25.60 -15.99
CA PRO B 383 29.33 -25.24 -17.41
C PRO B 383 28.35 -24.09 -17.71
N ALA B 384 27.32 -23.94 -16.89
CA ALA B 384 26.26 -22.99 -17.20
C ALA B 384 26.37 -21.72 -16.38
N VAL B 385 27.37 -21.67 -15.50
CA VAL B 385 27.54 -20.53 -14.60
C VAL B 385 28.48 -19.47 -15.20
N THR B 386 28.05 -18.22 -15.19
CA THR B 386 28.88 -17.12 -15.69
C THR B 386 29.43 -16.25 -14.56
N ASP B 387 28.74 -16.23 -13.42
CA ASP B 387 29.24 -15.49 -12.27
C ASP B 387 28.71 -16.04 -10.96
N VAL B 388 29.53 -15.93 -9.92
CA VAL B 388 29.11 -16.14 -8.55
C VAL B 388 29.52 -14.91 -7.73
N ARG B 389 28.55 -14.30 -7.08
CA ARG B 389 28.81 -13.08 -6.33
C ARG B 389 28.02 -13.04 -5.03
N VAL B 390 28.63 -12.49 -4.01
CA VAL B 390 28.05 -12.36 -2.70
C VAL B 390 28.25 -10.94 -2.17
N CYS B 391 27.22 -10.37 -1.56
CA CYS B 391 27.32 -9.07 -0.91
C CYS B 391 26.50 -9.12 0.39
N GLY B 392 27.18 -9.14 1.53
CA GLY B 392 26.50 -9.32 2.81
C GLY B 392 25.69 -10.60 2.79
N ALA B 393 24.41 -10.52 3.20
CA ALA B 393 23.56 -11.71 3.24
C ALA B 393 22.80 -11.87 1.93
N ILE B 394 23.54 -11.77 0.83
CA ILE B 394 23.02 -11.96 -0.51
C ILE B 394 23.99 -12.85 -1.31
N GLY B 395 23.50 -13.99 -1.81
CA GLY B 395 24.32 -14.87 -2.62
C GLY B 395 23.71 -15.12 -3.99
N VAL B 396 24.50 -14.95 -5.04
CA VAL B 396 23.98 -15.05 -6.39
C VAL B 396 24.82 -15.97 -7.28
N ILE B 397 24.15 -16.88 -7.97
CA ILE B 397 24.74 -17.59 -9.10
C ILE B 397 24.06 -17.15 -10.38
N GLU B 398 24.82 -16.50 -11.26
CA GLU B 398 24.27 -16.09 -12.54
C GLU B 398 24.58 -17.14 -13.61
N CYS B 399 23.54 -17.63 -14.28
CA CYS B 399 23.71 -18.66 -15.30
C CYS B 399 23.68 -18.05 -16.69
N ASP B 400 23.96 -18.86 -17.70
CA ASP B 400 24.04 -18.39 -19.09
C ASP B 400 22.75 -18.60 -19.86
N ARG B 401 21.73 -19.09 -19.18
CA ARG B 401 20.44 -19.38 -19.80
C ARG B 401 19.36 -19.23 -18.75
N PRO B 402 18.08 -19.15 -19.17
CA PRO B 402 17.03 -19.02 -18.16
C PRO B 402 16.94 -20.27 -17.31
N VAL B 403 16.65 -20.12 -16.03
CA VAL B 403 16.51 -21.25 -15.12
C VAL B 403 15.07 -21.74 -15.16
N ASP B 404 14.91 -23.02 -15.50
CA ASP B 404 13.59 -23.62 -15.60
C ASP B 404 13.03 -23.85 -14.19
N LEU B 405 11.98 -23.10 -13.84
CA LEU B 405 11.34 -23.24 -12.53
C LEU B 405 10.75 -24.64 -12.31
N ALA B 406 10.18 -25.20 -13.37
CA ALA B 406 9.56 -26.52 -13.29
C ALA B 406 10.58 -27.59 -12.89
N VAL B 407 11.85 -27.31 -13.12
CA VAL B 407 12.92 -28.24 -12.76
C VAL B 407 13.60 -27.79 -11.47
N ALA B 408 13.89 -26.49 -11.37
CA ALA B 408 14.65 -25.95 -10.24
C ALA B 408 13.90 -26.03 -8.90
N THR B 409 12.65 -25.62 -8.90
CA THR B 409 11.88 -25.56 -7.65
C THR B 409 11.76 -26.93 -6.96
N PRO B 410 11.38 -27.99 -7.72
CA PRO B 410 11.32 -29.29 -7.03
C PRO B 410 12.70 -29.86 -6.70
N ALA B 411 13.71 -29.52 -7.48
CA ALA B 411 15.09 -29.94 -7.17
C ALA B 411 15.56 -29.39 -5.83
N ALA B 412 15.20 -28.14 -5.54
CA ALA B 412 15.62 -27.53 -4.30
C ALA B 412 14.76 -28.03 -3.13
N LEU B 413 13.47 -28.21 -3.39
CA LEU B 413 12.56 -28.72 -2.36
C LEU B 413 12.98 -30.11 -1.92
N ASP B 414 13.42 -30.92 -2.88
CA ASP B 414 13.93 -32.25 -2.57
C ASP B 414 15.07 -32.18 -1.58
N ARG B 415 15.77 -31.05 -1.56
CA ARG B 415 16.93 -30.89 -0.68
C ARG B 415 16.66 -30.03 0.54
N GLY B 416 15.39 -29.79 0.82
CA GLY B 416 14.98 -29.10 2.03
C GLY B 416 15.14 -27.58 1.97
N VAL B 417 15.01 -27.02 0.78
CA VAL B 417 15.20 -25.59 0.59
C VAL B 417 14.16 -25.01 -0.34
N TRP B 418 13.53 -23.90 0.08
CA TRP B 418 12.67 -23.13 -0.81
C TRP B 418 13.52 -22.07 -1.53
N LEU B 419 13.63 -22.23 -2.84
CA LEU B 419 14.36 -21.30 -3.72
C LEU B 419 13.44 -20.88 -4.84
N ARG B 420 13.53 -19.61 -5.23
CA ARG B 420 12.74 -19.06 -6.35
C ARG B 420 13.69 -18.32 -7.29
N PRO B 421 14.28 -19.05 -8.26
CA PRO B 421 15.11 -18.37 -9.27
C PRO B 421 14.25 -17.41 -10.10
N PHE B 422 14.87 -16.44 -10.75
CA PHE B 422 14.16 -15.76 -11.84
C PHE B 422 15.16 -15.42 -12.92
N ARG B 423 14.67 -15.33 -14.16
CA ARG B 423 15.53 -15.20 -15.33
C ARG B 423 16.65 -16.23 -15.25
N ASN B 424 17.89 -15.76 -15.30
CA ASN B 424 19.05 -16.65 -15.28
C ASN B 424 19.75 -16.70 -13.93
N LEU B 425 19.02 -16.36 -12.88
CA LEU B 425 19.61 -16.16 -11.57
C LEU B 425 19.11 -17.18 -10.55
N VAL B 426 20.06 -17.89 -9.95
CA VAL B 426 19.79 -18.73 -8.78
C VAL B 426 20.35 -18.01 -7.56
N TYR B 427 19.49 -17.51 -6.68
CA TYR B 427 20.00 -16.63 -5.65
C TYR B 427 19.31 -16.82 -4.30
N ALA B 428 19.93 -16.25 -3.26
CA ALA B 428 19.35 -16.29 -1.92
C ALA B 428 19.62 -15.02 -1.10
N MET B 429 18.65 -14.70 -0.26
CA MET B 429 18.82 -13.68 0.76
CA MET B 429 18.75 -13.65 0.74
C MET B 429 18.22 -14.23 2.06
N PRO B 430 19.03 -15.03 2.75
CA PRO B 430 18.50 -15.82 3.87
C PRO B 430 18.30 -15.01 5.13
N PRO B 431 17.42 -15.48 6.02
CA PRO B 431 17.24 -14.84 7.33
C PRO B 431 18.56 -14.72 8.07
N TYR B 432 18.69 -13.69 8.89
CA TYR B 432 19.94 -13.45 9.60
C TYR B 432 20.17 -14.51 10.66
N ILE B 433 19.13 -15.23 11.03
CA ILE B 433 19.22 -16.24 12.09
C ILE B 433 19.67 -17.62 11.61
N CYS B 434 19.97 -17.74 10.32
CA CYS B 434 20.40 -19.01 9.76
C CYS B 434 21.74 -19.44 10.34
N THR B 435 21.80 -20.68 10.83
CA THR B 435 23.04 -21.25 11.33
C THR B 435 23.97 -21.64 10.17
N PRO B 436 25.25 -21.90 10.45
CA PRO B 436 26.15 -22.36 9.39
C PRO B 436 25.66 -23.62 8.68
N ALA B 437 25.07 -24.54 9.42
CA ALA B 437 24.57 -25.77 8.80
C ALA B 437 23.42 -25.43 7.84
N GLU B 438 22.59 -24.48 8.23
CA GLU B 438 21.48 -24.06 7.39
C GLU B 438 21.99 -23.37 6.12
N ILE B 439 23.01 -22.53 6.26
CA ILE B 439 23.61 -21.90 5.09
C ILE B 439 24.28 -22.94 4.18
N THR B 440 24.92 -23.94 4.78
CA THR B 440 25.47 -25.05 4.01
C THR B 440 24.37 -25.75 3.22
N GLN B 441 23.23 -25.97 3.86
CA GLN B 441 22.09 -26.59 3.21
C GLN B 441 21.58 -25.72 2.06
N ILE B 442 21.44 -24.42 2.30
CA ILE B 442 20.92 -23.54 1.25
C ILE B 442 21.86 -23.49 0.04
N THR B 443 23.16 -23.29 0.29
CA THR B 443 24.12 -23.15 -0.80
C THR B 443 24.27 -24.45 -1.59
N SER B 444 24.24 -25.59 -0.91
CA SER B 444 24.30 -26.87 -1.59
C SER B 444 23.16 -27.04 -2.56
N ALA B 445 21.95 -26.64 -2.16
CA ALA B 445 20.78 -26.69 -3.02
C ALA B 445 20.97 -25.76 -4.22
N MET B 446 21.47 -24.56 -3.97
CA MET B 446 21.71 -23.60 -5.04
C MET B 446 22.74 -24.14 -6.01
N VAL B 447 23.84 -24.65 -5.44
CA VAL B 447 24.87 -25.25 -6.26
C VAL B 447 24.25 -26.37 -7.06
N GLU B 448 23.40 -27.20 -6.47
CA GLU B 448 22.83 -28.30 -7.27
C GLU B 448 21.86 -27.81 -8.35
N VAL B 449 21.13 -26.73 -8.10
CA VAL B 449 20.18 -26.23 -9.09
C VAL B 449 20.88 -25.77 -10.38
N ALA B 450 22.04 -25.15 -10.22
CA ALA B 450 22.79 -24.64 -11.37
C ALA B 450 23.41 -25.78 -12.20
N ARG B 451 23.65 -26.92 -11.56
CA ARG B 451 24.22 -28.11 -12.20
C ARG B 451 23.18 -28.65 -13.16
N LEU B 452 21.94 -28.71 -12.69
CA LEU B 452 20.84 -29.18 -13.52
C LEU B 452 20.56 -28.21 -14.65
N VAL B 453 20.86 -26.93 -14.45
CA VAL B 453 20.70 -25.92 -15.50
C VAL B 453 21.61 -26.27 -16.67
N GLY B 454 22.84 -26.64 -16.35
CA GLY B 454 23.83 -27.02 -17.36
C GLY B 454 23.64 -28.44 -17.89
N SER B 455 22.47 -29.00 -17.62
N SER B 455 22.51 -29.05 -17.56
CA SER B 455 22.07 -30.33 -18.10
CA SER B 455 22.10 -30.38 -18.02
C SER B 455 23.00 -31.41 -17.56
C SER B 455 23.22 -31.31 -18.50
N1 PLP C . -10.44 5.28 -3.25
C2 PLP C . -11.47 5.62 -2.44
C2A PLP C . -12.88 5.77 -2.95
C3 PLP C . -11.21 5.86 -1.01
O3 PLP C . -12.23 6.19 -0.20
C4 PLP C . -9.84 5.70 -0.51
C4A PLP C . -9.57 5.92 0.94
C5 PLP C . -8.79 5.33 -1.49
C6 PLP C . -9.17 5.14 -2.82
C5A PLP C . -7.34 5.20 -1.11
O4P PLP C . -7.02 4.19 -0.16
P PLP C . -5.61 4.30 0.60
O1P PLP C . -5.64 5.55 1.45
O2P PLP C . -5.62 3.00 1.37
O3P PLP C . -4.50 4.33 -0.43
CAF 3VS D . -7.06 12.58 5.40
CAD 3VS D . -7.30 13.34 4.25
CAL 3VS D . -7.18 12.77 2.98
CAK 3VS D . -7.41 13.52 1.83
OAB 3VS D . -7.49 14.74 1.88
NAA 3VS D . -7.35 12.84 0.68
CAE 3VS D . -6.75 11.46 2.87
CAG 3VS D . -6.49 10.70 4.01
CAM 3VS D . -6.61 11.27 5.27
NAN 3VS D . -6.42 10.53 6.36
CAH 3VS D . -5.93 9.28 6.46
CAC 3VS D . -5.90 8.98 7.76
NAJ 3VS D . -6.34 10.05 8.45
CAI 3VS D . -6.64 11.01 7.58
C1 EDO E . -25.62 -9.14 -7.46
O1 EDO E . -25.01 -8.24 -8.41
C2 EDO E . -25.09 -8.86 -6.07
O2 EDO E . -24.20 -9.92 -5.67
C FOR F . -0.08 -4.28 7.41
O FOR F . -1.05 -4.89 6.95
S SO4 G . -6.51 15.55 8.30
O1 SO4 G . -5.65 15.89 9.43
O2 SO4 G . -7.47 14.51 8.69
O3 SO4 G . -7.25 16.72 7.84
O4 SO4 G . -5.66 15.06 7.22
N1 PLP H . 11.88 -0.62 -4.51
C2 PLP H . 12.79 -1.60 -4.32
C2A PLP H . 14.26 -1.33 -4.49
C3 PLP H . 12.34 -2.94 -3.93
O3 PLP H . 13.24 -3.93 -3.75
C4 PLP H . 10.88 -3.17 -3.76
C4A PLP H . 10.43 -4.53 -3.34
C5 PLP H . 9.98 -2.01 -4.02
C6 PLP H . 10.55 -0.80 -4.38
C5A PLP H . 8.48 -2.08 -3.93
O4P PLP H . 7.98 -2.58 -2.69
P PLP H . 6.48 -3.13 -2.63
O1P PLP H . 6.25 -3.15 -1.14
O2P PLP H . 6.47 -4.49 -3.29
O3P PLP H . 5.58 -2.17 -3.39
CAF 3VS I . 8.01 -11.34 -7.71
CAD 3VS I . 7.56 -12.00 -6.55
CAL 3VS I . 7.03 -11.28 -5.49
CAK 3VS I . 6.58 -11.96 -4.34
OAB 3VS I . 6.78 -13.15 -4.21
NAA 3VS I . 6.04 -11.22 -3.38
CAE 3VS I . 7.02 -9.89 -5.55
CAG 3VS I . 7.49 -9.24 -6.68
CAM 3VS I . 8.02 -9.95 -7.75
NAN 3VS I . 8.44 -9.29 -8.84
CAH 3VS I . 8.78 -9.84 -10.00
CAC 3VS I . 9.10 -8.88 -10.85
NAJ 3VS I . 8.94 -7.71 -10.24
CAI 3VS I . 8.49 -7.97 -9.00
MG MG J . 14.09 -28.01 11.04
C1 EDO K . 8.77 -34.76 0.13
O1 EDO K . 8.05 -34.69 -1.11
C2 EDO K . 10.17 -34.19 -0.09
O2 EDO K . 11.01 -34.56 1.02
#